data_4QAN
#
_entry.id   4QAN
#
_cell.length_a   51.394
_cell.length_b   109.013
_cell.length_c   137.307
_cell.angle_alpha   90.000
_cell.angle_beta   90.000
_cell.angle_gamma   90.000
#
_symmetry.space_group_name_H-M   'P 21 21 21'
#
loop_
_entity.id
_entity.type
_entity.pdbx_description
1 polymer 'hypothetical protein'
2 non-polymer 'MAGNESIUM ION'
3 water water
#
_entity_poly.entity_id   1
_entity_poly.type   'polypeptide(L)'
_entity_poly.pdbx_seq_one_letter_code
;GKKEESEVLNVTESLQKESEITSFSEEEEAVLY(MSE)LSALKKNDLD(MSE)ALRGCAIDETALQINFVKTAEELPG
(MSE)QLIDLPAPTSDYSYYFPLTSAE(MSE)TKAYIEQFEELSTEIPEIETLEVLEIAEKKEKEREEQLAECLAAQEVS
ELEIYVKCGEQSYRLGFTAVQYEKNWKIHSLKEGLLYETDIPACVQ(MSE)EE(MSE)REAKKTYVLPNQLTGANYFQA
(MSE)PISEKTPQRAVEQFIYAIEKGDLTRALAFATTESSQDTSPELLKKQGEYAKELKT(MSE)LYGFLGTEDARLYGK
SEEQLNKLRGKLNPEY(MSE)VYLDLIKVIPIETEENTETVKQYAGLYSYNGKNYLTGYTLCRQEDGWQIQSLSAPALSL
ESGEV(MSE)RLSKEESRKTSEQSVLKAEKNER
;
_entity_poly.pdbx_strand_id   A,B
#
# COMPACT_ATOMS: atom_id res chain seq x y z
N GLY A 1 4.54 4.06 5.61
CA GLY A 1 3.74 2.80 5.60
C GLY A 1 4.40 1.66 6.35
N LYS A 2 3.89 1.36 7.54
CA LYS A 2 4.33 0.17 8.29
C LYS A 2 3.77 -1.09 7.60
N LYS A 3 2.51 -1.01 7.16
CA LYS A 3 1.89 -2.06 6.35
C LYS A 3 2.53 -2.19 4.96
N GLU A 4 2.73 -1.06 4.28
CA GLU A 4 3.29 -1.01 2.90
C GLU A 4 4.70 -1.62 2.81
N GLU A 5 5.50 -1.44 3.86
CA GLU A 5 6.84 -2.02 3.95
C GLU A 5 6.80 -3.50 4.33
N SER A 6 5.83 -3.85 5.18
CA SER A 6 5.66 -5.22 5.66
C SER A 6 5.40 -6.24 4.55
N GLU A 7 4.46 -5.96 3.66
CA GLU A 7 4.00 -6.94 2.65
C GLU A 7 4.93 -7.10 1.42
N VAL A 8 6.05 -6.38 1.43
CA VAL A 8 7.05 -6.52 0.38
C VAL A 8 8.24 -7.36 0.86
N LEU A 9 8.03 -8.09 1.95
CA LEU A 9 9.05 -8.94 2.54
C LEU A 9 8.93 -10.40 2.14
N ASN A 10 10.07 -10.99 1.80
CA ASN A 10 10.19 -12.41 1.55
C ASN A 10 10.57 -13.02 2.88
N VAL A 11 9.59 -13.59 3.57
CA VAL A 11 9.85 -14.30 4.80
C VAL A 11 10.39 -15.66 4.37
N THR A 12 11.71 -15.74 4.20
CA THR A 12 12.35 -16.93 3.67
C THR A 12 12.19 -18.09 4.65
N GLU A 13 12.48 -19.32 4.21
CA GLU A 13 12.43 -20.50 5.07
C GLU A 13 13.25 -20.31 6.35
N SER A 14 14.45 -19.75 6.22
CA SER A 14 15.28 -19.51 7.40
C SER A 14 14.68 -18.43 8.31
N LEU A 15 14.14 -17.37 7.70
CA LEU A 15 13.48 -16.33 8.50
C LEU A 15 12.23 -16.81 9.22
N GLN A 16 11.58 -17.86 8.71
CA GLN A 16 10.46 -18.48 9.42
C GLN A 16 10.88 -19.33 10.61
N LYS A 17 12.17 -19.66 10.72
CA LYS A 17 12.66 -20.52 11.81
C LYS A 17 12.62 -19.80 13.15
N GLU A 18 12.29 -20.54 14.20
CA GLU A 18 12.19 -20.01 15.56
C GLU A 18 13.57 -19.71 16.17
N SER A 19 13.66 -18.60 16.90
CA SER A 19 14.85 -18.28 17.71
C SER A 19 14.67 -18.62 19.20
N GLU A 20 15.40 -19.62 19.68
CA GLU A 20 15.25 -20.08 21.06
C GLU A 20 16.27 -19.47 22.04
N ILE A 21 17.10 -18.55 21.56
CA ILE A 21 18.05 -17.82 22.40
C ILE A 21 17.61 -16.37 22.44
N THR A 22 17.12 -15.88 23.59
CA THR A 22 16.71 -14.48 23.70
C THR A 22 17.86 -13.53 23.39
N SER A 23 18.98 -13.75 24.10
CA SER A 23 20.07 -12.79 24.14
C SER A 23 21.36 -13.46 24.59
N PHE A 24 22.48 -12.78 24.35
CA PHE A 24 23.77 -13.19 24.90
C PHE A 24 24.10 -12.17 25.99
N SER A 25 24.14 -12.65 27.22
CA SER A 25 24.37 -11.83 28.40
C SER A 25 25.87 -11.67 28.64
N GLU A 26 26.66 -12.55 28.06
CA GLU A 26 28.12 -12.51 28.18
C GLU A 26 28.68 -12.45 26.78
N GLU A 27 29.75 -11.67 26.59
CA GLU A 27 30.36 -11.55 25.26
C GLU A 27 30.92 -12.89 24.75
N GLU A 28 31.32 -13.79 25.65
CA GLU A 28 31.86 -15.08 25.22
C GLU A 28 30.82 -15.89 24.44
N GLU A 29 29.58 -15.89 24.93
CA GLU A 29 28.48 -16.62 24.30
C GLU A 29 28.28 -16.14 22.89
N ALA A 30 28.20 -14.82 22.74
CA ALA A 30 28.06 -14.18 21.43
C ALA A 30 29.18 -14.58 20.46
N VAL A 31 30.40 -14.68 20.97
CA VAL A 31 31.56 -15.07 20.17
C VAL A 31 31.41 -16.51 19.70
N LEU A 32 31.04 -17.39 20.63
CA LEU A 32 30.89 -18.81 20.32
C LEU A 32 29.75 -19.04 19.34
N TYR A 33 28.60 -18.42 19.62
CA TYR A 33 27.47 -18.45 18.72
C TYR A 33 27.96 -18.15 17.32
N LEU A 35 31.04 -18.31 16.20
CA LEU A 35 31.96 -19.37 15.80
C LEU A 35 31.23 -20.63 15.32
N SER A 36 30.19 -21.03 16.06
CA SER A 36 29.32 -22.14 15.63
C SER A 36 28.70 -21.89 14.26
N ALA A 37 28.16 -20.70 14.06
CA ALA A 37 27.57 -20.33 12.78
C ALA A 37 28.55 -20.60 11.66
N LEU A 38 29.79 -20.09 11.83
CA LEU A 38 30.85 -20.28 10.85
C LEU A 38 31.18 -21.75 10.67
N LYS A 39 31.20 -22.49 11.77
CA LYS A 39 31.47 -23.93 11.71
C LYS A 39 30.45 -24.65 10.85
N LYS A 40 29.18 -24.25 11.01
CA LYS A 40 28.06 -24.90 10.32
C LYS A 40 27.75 -24.23 9.00
N ASN A 41 28.62 -23.32 8.55
CA ASN A 41 28.39 -22.55 7.34
C ASN A 41 26.92 -22.08 7.24
N ASP A 42 26.39 -21.54 8.35
CA ASP A 42 24.97 -21.15 8.43
C ASP A 42 24.87 -19.64 8.47
N LEU A 43 24.59 -19.05 7.32
CA LEU A 43 24.57 -17.62 7.15
C LEU A 43 23.47 -17.00 7.99
N ASP A 44 22.30 -17.61 7.94
CA ASP A 44 21.15 -17.10 8.66
C ASP A 44 21.50 -16.94 10.14
N ALA A 46 24.44 -16.78 11.56
CA ALA A 46 25.50 -15.78 11.69
C ALA A 46 24.96 -14.36 11.74
N LEU A 47 24.08 -14.02 10.80
CA LEU A 47 23.48 -12.69 10.74
C LEU A 47 22.80 -12.27 12.03
N ARG A 48 22.05 -13.20 12.61
CA ARG A 48 21.32 -12.95 13.85
C ARG A 48 22.24 -12.59 15.04
N GLY A 49 23.49 -13.06 14.98
CA GLY A 49 24.48 -12.75 15.98
C GLY A 49 25.22 -11.44 15.80
N CYS A 50 25.00 -10.77 14.67
CA CYS A 50 25.61 -9.48 14.38
C CYS A 50 24.75 -8.33 14.91
N ALA A 51 25.37 -7.19 15.15
CA ALA A 51 24.66 -6.03 15.70
C ALA A 51 24.06 -5.15 14.59
N ILE A 52 23.18 -5.72 13.77
CA ILE A 52 22.62 -5.01 12.64
C ILE A 52 21.67 -3.88 13.08
N ASP A 53 20.63 -4.20 13.83
CA ASP A 53 19.65 -3.20 14.25
C ASP A 53 20.22 -2.25 15.31
N GLU A 54 21.04 -2.78 16.20
CA GLU A 54 21.54 -2.00 17.33
C GLU A 54 22.52 -0.93 16.81
N THR A 55 23.49 -1.34 16.01
CA THR A 55 24.41 -0.39 15.39
C THR A 55 23.64 0.61 14.52
N ALA A 56 22.74 0.11 13.68
CA ALA A 56 22.02 0.99 12.76
C ALA A 56 21.23 2.12 13.49
N LEU A 57 20.63 1.79 14.63
CA LEU A 57 19.86 2.78 15.40
C LEU A 57 20.69 3.65 16.37
N GLN A 58 21.91 3.21 16.72
CA GLN A 58 22.71 3.84 17.79
C GLN A 58 24.02 4.51 17.36
N ILE A 59 24.59 4.07 16.24
CA ILE A 59 25.92 4.54 15.85
C ILE A 59 26.06 6.08 15.88
N ASN A 60 27.18 6.54 16.42
CA ASN A 60 27.49 7.96 16.52
C ASN A 60 28.20 8.43 15.26
N PHE A 61 27.48 9.20 14.45
CA PHE A 61 27.96 9.68 13.16
C PHE A 61 29.28 10.42 13.29
N VAL A 62 29.29 11.45 14.15
CA VAL A 62 30.47 12.30 14.32
C VAL A 62 31.69 11.50 14.75
N LYS A 63 31.55 10.73 15.82
CA LYS A 63 32.68 9.97 16.36
C LYS A 63 33.21 8.95 15.37
N THR A 64 32.30 8.22 14.73
CA THR A 64 32.66 7.21 13.75
C THR A 64 33.42 7.84 12.58
N ALA A 65 32.99 9.02 12.15
CA ALA A 65 33.66 9.71 11.04
C ALA A 65 35.09 10.12 11.42
N GLU A 66 35.27 10.53 12.67
CA GLU A 66 36.59 10.90 13.17
C GLU A 66 37.55 9.69 13.20
N GLU A 67 37.02 8.52 13.53
CA GLU A 67 37.77 7.28 13.49
C GLU A 67 38.11 6.79 12.06
N LEU A 68 37.32 7.16 11.06
CA LEU A 68 37.53 6.68 9.68
C LEU A 68 37.65 7.83 8.66
N PRO A 69 38.65 8.71 8.84
CA PRO A 69 38.70 9.97 8.06
C PRO A 69 38.91 9.79 6.55
N GLY A 70 39.49 8.66 6.14
CA GLY A 70 39.70 8.34 4.72
C GLY A 70 38.49 7.74 4.01
N GLN A 72 35.03 7.94 2.31
CA GLN A 72 34.14 8.97 1.77
C GLN A 72 32.72 8.56 2.13
N LEU A 73 31.86 9.57 2.21
CA LEU A 73 30.52 9.43 2.79
C LEU A 73 29.67 8.36 2.11
N ILE A 74 29.65 8.31 0.78
CA ILE A 74 28.87 7.29 0.08
C ILE A 74 29.33 5.86 0.33
N ASP A 75 30.52 5.67 0.93
CA ASP A 75 30.99 4.34 1.30
C ASP A 75 30.56 3.91 2.70
N LEU A 76 29.92 4.79 3.45
CA LEU A 76 29.36 4.45 4.76
C LEU A 76 27.83 4.31 4.69
N PRO A 77 27.24 3.36 5.45
CA PRO A 77 25.76 3.21 5.49
C PRO A 77 25.03 4.48 5.91
N ALA A 78 23.78 4.61 5.49
CA ALA A 78 22.99 5.82 5.73
C ALA A 78 22.83 6.10 7.21
N PRO A 79 22.65 7.38 7.60
CA PRO A 79 22.58 7.83 8.99
C PRO A 79 21.22 7.58 9.69
N THR A 80 20.88 6.31 9.84
CA THR A 80 19.60 5.90 10.40
C THR A 80 19.49 6.29 11.87
N SER A 81 20.60 6.30 12.59
CA SER A 81 20.61 6.72 14.00
C SER A 81 20.23 8.19 14.17
N ASP A 82 20.43 9.02 13.15
CA ASP A 82 19.94 10.39 13.18
C ASP A 82 18.57 10.53 12.53
N TYR A 83 18.32 9.77 11.47
CA TYR A 83 17.08 9.88 10.74
C TYR A 83 16.54 8.50 10.43
N SER A 84 15.53 8.06 11.17
CA SER A 84 15.03 6.69 11.02
C SER A 84 14.50 6.36 9.60
N TYR A 85 14.07 7.39 8.85
CA TYR A 85 13.78 7.28 7.40
C TYR A 85 14.74 6.35 6.65
N TYR A 86 16.04 6.43 6.95
CA TYR A 86 17.04 5.65 6.22
C TYR A 86 17.13 4.15 6.54
N PHE A 87 16.36 3.67 7.52
CA PHE A 87 16.59 2.36 8.12
C PHE A 87 16.76 1.23 7.11
N PRO A 88 15.82 1.07 6.19
CA PRO A 88 16.04 -0.06 5.27
C PRO A 88 17.36 0.01 4.47
N LEU A 89 17.84 1.21 4.16
CA LEU A 89 19.11 1.33 3.43
C LEU A 89 20.29 0.90 4.31
N THR A 90 20.23 1.26 5.59
CA THR A 90 21.30 1.03 6.53
C THR A 90 21.34 -0.45 6.87
N SER A 91 20.18 -1.03 7.17
CA SER A 91 20.08 -2.47 7.44
C SER A 91 20.61 -3.29 6.27
N ALA A 92 20.19 -2.94 5.07
CA ALA A 92 20.59 -3.68 3.89
C ALA A 92 22.07 -3.57 3.59
N GLU A 93 22.66 -2.39 3.72
CA GLU A 93 24.09 -2.29 3.49
C GLU A 93 24.87 -3.03 4.56
N THR A 95 23.96 -5.56 6.37
CA THR A 95 23.77 -6.98 6.10
C THR A 95 24.74 -7.47 5.00
N LYS A 96 24.87 -6.74 3.91
CA LYS A 96 25.87 -7.07 2.89
C LYS A 96 27.29 -7.11 3.46
N ALA A 97 27.64 -6.10 4.26
CA ALA A 97 28.99 -6.01 4.83
C ALA A 97 29.28 -7.22 5.71
N TYR A 98 28.29 -7.63 6.52
CA TYR A 98 28.43 -8.83 7.36
C TYR A 98 28.55 -10.15 6.56
N ILE A 99 27.81 -10.25 5.45
CA ILE A 99 27.90 -11.42 4.59
C ILE A 99 29.33 -11.53 4.07
N GLU A 100 29.91 -10.41 3.68
CA GLU A 100 31.25 -10.40 3.16
C GLU A 100 32.31 -10.74 4.18
N GLN A 101 32.12 -10.31 5.43
CA GLN A 101 32.99 -10.76 6.50
C GLN A 101 32.87 -12.27 6.63
N PHE A 102 31.64 -12.77 6.69
CA PHE A 102 31.39 -14.18 6.83
CA PHE A 102 31.37 -14.20 6.81
C PHE A 102 32.07 -14.97 5.69
N GLU A 103 31.83 -14.53 4.46
CA GLU A 103 32.40 -15.23 3.29
C GLU A 103 33.92 -15.21 3.29
N GLU A 104 34.49 -14.04 3.59
CA GLU A 104 35.95 -13.90 3.66
C GLU A 104 36.58 -14.88 4.66
N LEU A 105 36.10 -14.90 5.91
CA LEU A 105 36.64 -15.82 6.93
C LEU A 105 36.42 -17.28 6.52
N SER A 106 35.30 -17.56 5.88
CA SER A 106 35.00 -18.91 5.41
C SER A 106 35.96 -19.32 4.29
N THR A 107 36.47 -18.35 3.55
CA THR A 107 37.45 -18.60 2.51
C THR A 107 38.85 -18.68 3.11
N GLU A 108 39.21 -17.71 3.94
CA GLU A 108 40.58 -17.57 4.43
C GLU A 108 40.97 -18.57 5.53
N ILE A 109 40.01 -19.35 6.01
CA ILE A 109 40.27 -20.43 6.95
C ILE A 109 39.84 -21.72 6.27
N PRO A 110 40.82 -22.49 5.74
CA PRO A 110 40.46 -23.72 5.05
C PRO A 110 39.94 -24.77 6.05
N GLU A 111 38.92 -25.53 5.65
CA GLU A 111 38.29 -26.52 6.52
C GLU A 111 37.78 -25.85 7.78
N ILE A 112 37.04 -24.74 7.61
CA ILE A 112 36.43 -24.04 8.74
C ILE A 112 35.37 -24.94 9.39
N GLU A 113 34.86 -25.91 8.63
CA GLU A 113 33.95 -26.94 9.15
C GLU A 113 34.51 -27.73 10.34
N THR A 114 35.82 -27.96 10.34
CA THR A 114 36.47 -28.78 11.38
C THR A 114 36.99 -27.96 12.57
N LEU A 115 36.35 -26.82 12.84
CA LEU A 115 36.88 -25.81 13.76
C LEU A 115 36.77 -26.20 15.24
N GLU A 116 37.85 -25.99 15.99
CA GLU A 116 37.87 -26.23 17.44
C GLU A 116 38.30 -24.95 18.15
N VAL A 117 37.56 -24.57 19.19
CA VAL A 117 37.84 -23.36 19.94
C VAL A 117 38.85 -23.61 21.06
N LEU A 118 40.07 -23.12 20.86
CA LEU A 118 41.15 -23.36 21.82
C LEU A 118 41.09 -22.37 22.98
N GLU A 119 40.90 -21.10 22.65
CA GLU A 119 40.81 -20.05 23.66
C GLU A 119 40.13 -18.81 23.10
N ILE A 120 39.45 -18.08 23.98
CA ILE A 120 38.91 -16.77 23.67
C ILE A 120 39.51 -15.83 24.71
N ALA A 121 40.31 -14.86 24.28
CA ALA A 121 40.99 -13.95 25.20
C ALA A 121 40.54 -12.51 25.01
N GLU A 122 40.36 -11.79 26.11
CA GLU A 122 39.97 -10.37 26.07
C GLU A 122 41.20 -9.50 25.86
N LYS A 123 41.30 -8.86 24.69
CA LYS A 123 42.43 -7.98 24.38
C LYS A 123 42.54 -6.84 25.40
N LYS A 124 43.76 -6.40 25.71
CA LYS A 124 43.99 -5.46 26.81
C LYS A 124 44.23 -4.02 26.36
N GLU A 125 43.19 -3.35 25.85
CA GLU A 125 43.26 -1.96 25.40
C GLU A 125 42.04 -1.16 25.87
N LYS A 126 42.12 -0.53 27.03
CA LYS A 126 41.00 0.29 27.55
C LYS A 126 40.81 1.58 26.73
N GLU A 127 41.91 2.08 26.14
CA GLU A 127 41.88 3.29 25.31
C GLU A 127 41.17 3.02 23.98
N ARG A 128 41.55 1.90 23.35
CA ARG A 128 40.95 1.51 22.09
C ARG A 128 39.47 1.20 22.26
N GLU A 129 39.10 0.52 23.35
CA GLU A 129 37.71 0.10 23.56
C GLU A 129 36.77 1.28 23.82
N GLU A 130 37.00 2.03 24.90
CA GLU A 130 36.15 3.20 25.23
C GLU A 130 35.86 4.05 23.98
N GLN A 131 36.90 4.19 23.15
CA GLN A 131 36.85 4.94 21.90
C GLN A 131 35.86 4.35 20.90
N LEU A 132 35.96 3.06 20.66
CA LEU A 132 35.03 2.34 19.80
C LEU A 132 33.62 2.33 20.38
N ALA A 133 33.50 2.17 21.70
CA ALA A 133 32.20 2.20 22.37
C ALA A 133 31.53 3.55 22.20
N GLU A 134 32.32 4.60 22.12
CA GLU A 134 31.82 5.95 21.89
C GLU A 134 31.37 6.12 20.44
N CYS A 135 32.16 5.60 19.49
CA CYS A 135 31.74 5.50 18.09
C CYS A 135 30.37 4.82 17.93
N LEU A 136 30.21 3.71 18.63
CA LEU A 136 29.01 2.89 18.49
C LEU A 136 27.86 3.31 19.40
N ALA A 137 28.12 4.30 20.27
CA ALA A 137 27.20 4.67 21.35
C ALA A 137 26.80 3.44 22.17
N ALA A 138 27.79 2.61 22.47
CA ALA A 138 27.56 1.32 23.10
C ALA A 138 27.85 1.36 24.59
N GLN A 139 27.20 0.48 25.34
CA GLN A 139 27.47 0.35 26.77
C GLN A 139 28.90 -0.15 27.01
N GLU A 140 29.26 -1.25 26.34
CA GLU A 140 30.63 -1.77 26.36
C GLU A 140 31.04 -2.24 24.96
N VAL A 141 32.31 -2.03 24.62
CA VAL A 141 32.95 -2.72 23.49
C VAL A 141 34.02 -3.63 24.07
N SER A 142 34.08 -4.85 23.56
CA SER A 142 35.11 -5.80 24.00
C SER A 142 35.80 -6.40 22.78
N GLU A 143 37.09 -6.12 22.64
CA GLU A 143 37.89 -6.66 21.53
C GLU A 143 38.49 -7.98 21.96
N LEU A 144 38.11 -9.06 21.28
CA LEU A 144 38.54 -10.39 21.65
C LEU A 144 39.46 -10.99 20.61
N GLU A 145 40.49 -11.67 21.10
CA GLU A 145 41.35 -12.51 20.29
C GLU A 145 40.87 -13.93 20.45
N ILE A 146 40.68 -14.61 19.32
CA ILE A 146 40.11 -15.96 19.34
C ILE A 146 41.09 -16.93 18.69
N TYR A 147 41.46 -17.97 19.42
CA TYR A 147 42.37 -19.00 18.91
C TYR A 147 41.57 -20.25 18.57
N VAL A 148 41.58 -20.62 17.30
CA VAL A 148 40.89 -21.82 16.85
C VAL A 148 41.86 -22.77 16.16
N LYS A 149 41.38 -23.98 15.87
CA LYS A 149 42.19 -25.02 15.24
C LYS A 149 41.42 -25.72 14.11
N CYS A 150 42.06 -25.88 12.95
CA CYS A 150 41.47 -26.58 11.81
C CYS A 150 42.46 -27.57 11.22
N GLY A 151 42.36 -28.83 11.64
CA GLY A 151 43.28 -29.89 11.22
C GLY A 151 44.55 -29.83 12.05
N GLU A 152 45.68 -29.61 11.39
CA GLU A 152 46.95 -29.36 12.08
C GLU A 152 47.13 -27.86 12.30
N GLN A 153 46.30 -27.05 11.63
CA GLN A 153 46.42 -25.58 11.62
C GLN A 153 45.81 -24.95 12.87
N SER A 154 46.45 -23.89 13.35
CA SER A 154 45.89 -23.03 14.38
C SER A 154 45.81 -21.60 13.82
N TYR A 155 44.70 -20.91 14.06
CA TYR A 155 44.56 -19.50 13.62
C TYR A 155 44.10 -18.59 14.76
N ARG A 156 44.44 -17.31 14.66
CA ARG A 156 43.92 -16.31 15.58
C ARG A 156 42.92 -15.44 14.84
N LEU A 157 41.79 -15.15 15.46
CA LEU A 157 40.80 -14.24 14.88
C LEU A 157 40.60 -13.08 15.84
N GLY A 158 40.15 -11.94 15.31
CA GLY A 158 39.82 -10.79 16.14
C GLY A 158 38.39 -10.36 15.91
N PHE A 159 37.53 -10.54 16.91
CA PHE A 159 36.16 -10.02 16.84
C PHE A 159 36.00 -8.79 17.74
N THR A 160 35.24 -7.81 17.23
CA THR A 160 34.76 -6.71 18.05
C THR A 160 33.32 -6.99 18.49
N ALA A 161 33.16 -7.28 19.77
CA ALA A 161 31.86 -7.55 20.39
C ALA A 161 31.34 -6.28 21.03
N VAL A 162 30.03 -6.07 20.96
CA VAL A 162 29.43 -4.84 21.47
C VAL A 162 28.25 -5.15 22.37
N GLN A 163 28.06 -4.34 23.42
CA GLN A 163 26.91 -4.46 24.30
C GLN A 163 25.98 -3.25 24.20
N TYR A 164 24.70 -3.53 24.02
CA TYR A 164 23.64 -2.54 24.13
C TYR A 164 22.58 -3.08 25.05
N GLU A 165 22.14 -2.27 26.00
CA GLU A 165 21.10 -2.63 26.96
C GLU A 165 21.32 -4.02 27.55
N LYS A 166 22.56 -4.28 27.94
CA LYS A 166 22.93 -5.50 28.67
C LYS A 166 22.91 -6.76 27.78
N ASN A 167 22.90 -6.59 26.46
CA ASN A 167 22.89 -7.72 25.53
C ASN A 167 24.01 -7.62 24.52
N TRP A 168 24.77 -8.69 24.36
CA TRP A 168 25.95 -8.66 23.49
C TRP A 168 25.65 -9.11 22.06
N LYS A 169 26.37 -8.50 21.12
CA LYS A 169 26.41 -8.98 19.76
C LYS A 169 27.78 -8.69 19.14
N ILE A 170 28.06 -9.36 18.04
CA ILE A 170 29.31 -9.11 17.33
C ILE A 170 29.13 -7.91 16.42
N HIS A 171 29.90 -6.85 16.65
CA HIS A 171 29.92 -5.70 15.74
C HIS A 171 30.76 -5.98 14.51
N SER A 172 31.86 -6.71 14.68
CA SER A 172 32.71 -7.05 13.57
C SER A 172 33.41 -8.37 13.79
N LEU A 173 33.55 -9.14 12.71
CA LEU A 173 34.25 -10.43 12.72
C LEU A 173 35.74 -10.23 12.46
N LYS A 174 36.13 -8.97 12.29
CA LYS A 174 37.51 -8.56 12.15
C LYS A 174 37.76 -7.34 13.05
N GLU A 175 38.99 -7.22 13.51
CA GLU A 175 39.41 -6.19 14.47
C GLU A 175 38.91 -4.80 14.07
N GLY A 176 38.52 -3.99 15.05
CA GLY A 176 38.10 -2.62 14.80
C GLY A 176 36.63 -2.50 14.41
N LEU A 177 36.33 -1.46 13.65
CA LEU A 177 34.98 -1.20 13.19
C LEU A 177 34.68 -1.99 11.94
N LEU A 178 33.42 -2.39 11.81
CA LEU A 178 32.91 -3.06 10.61
C LEU A 178 33.33 -2.36 9.30
N TYR A 179 33.43 -1.03 9.31
CA TYR A 179 33.65 -0.32 8.05
C TYR A 179 35.11 -0.08 7.72
N GLU A 180 36.03 -0.53 8.57
CA GLU A 180 37.45 -0.36 8.26
C GLU A 180 37.85 -1.27 7.12
N THR A 181 38.81 -0.82 6.32
CA THR A 181 39.22 -1.54 5.13
C THR A 181 40.62 -2.12 5.31
N ASP A 182 40.89 -3.18 4.55
CA ASP A 182 42.20 -3.84 4.53
C ASP A 182 42.56 -4.38 5.91
N ILE A 183 41.62 -5.07 6.53
CA ILE A 183 41.88 -5.81 7.77
C ILE A 183 41.87 -7.31 7.46
N PRO A 184 42.86 -8.06 7.97
CA PRO A 184 42.89 -9.49 7.68
C PRO A 184 41.85 -10.26 8.47
N ALA A 185 41.23 -11.24 7.83
CA ALA A 185 40.26 -12.11 8.48
C ALA A 185 40.89 -12.91 9.61
N CYS A 186 42.15 -13.34 9.42
CA CYS A 186 42.84 -14.19 10.37
C CYS A 186 44.37 -14.12 10.25
N VAL A 187 45.06 -14.67 11.23
CA VAL A 187 46.48 -14.97 11.07
C VAL A 187 46.74 -16.37 11.64
N GLN A 188 47.66 -17.10 10.99
CA GLN A 188 48.01 -18.44 11.42
C GLN A 188 49.07 -18.36 12.50
N GLU A 190 52.19 -19.77 14.73
CA GLU A 190 53.35 -20.65 14.65
C GLU A 190 53.16 -21.84 15.58
N GLU A 191 52.92 -21.55 16.86
CA GLU A 191 52.72 -22.59 17.88
C GLU A 191 51.23 -22.83 18.15
N ARG A 193 48.12 -23.80 20.85
CA ARG A 193 47.64 -23.74 22.24
C ARG A 193 46.90 -25.02 22.65
N GLU A 194 47.01 -25.38 23.93
CA GLU A 194 46.10 -26.36 24.53
C GLU A 194 44.80 -25.62 24.83
N ALA A 195 43.67 -26.29 24.66
CA ALA A 195 42.38 -25.63 24.88
C ALA A 195 42.16 -25.32 26.36
N LYS A 196 41.62 -24.14 26.64
CA LYS A 196 41.45 -23.66 28.02
C LYS A 196 40.23 -24.28 28.73
N LYS A 197 39.11 -24.37 28.01
CA LYS A 197 37.86 -24.89 28.56
C LYS A 197 37.21 -25.91 27.62
N THR A 198 36.05 -26.42 28.04
CA THR A 198 35.09 -27.07 27.15
C THR A 198 34.20 -25.96 26.61
N TYR A 199 34.52 -25.43 25.44
CA TYR A 199 33.68 -24.40 24.85
C TYR A 199 32.45 -25.04 24.21
N VAL A 200 31.27 -24.56 24.60
CA VAL A 200 30.00 -25.07 24.07
C VAL A 200 29.57 -24.24 22.86
N LEU A 201 29.71 -24.82 21.68
CA LEU A 201 29.21 -24.21 20.45
C LEU A 201 27.70 -24.43 20.33
N PRO A 202 26.89 -23.37 20.51
CA PRO A 202 25.44 -23.59 20.51
C PRO A 202 24.88 -23.93 19.12
N ASN A 203 23.63 -24.41 19.12
CA ASN A 203 22.82 -24.38 17.91
C ASN A 203 21.34 -24.24 18.19
N GLN A 204 21.01 -23.11 18.81
CA GLN A 204 19.73 -22.47 18.61
C GLN A 204 20.07 -21.26 17.75
N LEU A 205 19.05 -20.55 17.30
CA LEU A 205 19.21 -19.23 16.73
C LEU A 205 18.75 -18.20 17.76
N THR A 206 19.22 -16.98 17.58
CA THR A 206 18.70 -15.83 18.30
C THR A 206 17.88 -15.02 17.29
N GLY A 207 17.45 -13.84 17.67
CA GLY A 207 16.39 -13.15 16.93
C GLY A 207 16.73 -12.79 15.51
N ALA A 208 15.70 -12.80 14.65
CA ALA A 208 15.86 -12.40 13.27
C ALA A 208 16.10 -10.89 13.21
N ASN A 209 17.01 -10.46 12.36
CA ASN A 209 17.41 -9.06 12.32
C ASN A 209 17.85 -8.58 10.95
N TYR A 210 17.34 -9.23 9.91
CA TYR A 210 17.60 -8.82 8.53
C TYR A 210 16.35 -9.07 7.69
N PHE A 211 16.30 -8.51 6.49
CA PHE A 211 15.16 -8.73 5.61
C PHE A 211 15.64 -8.96 4.18
N GLN A 212 14.81 -9.70 3.43
CA GLN A 212 15.00 -9.92 1.98
CA GLN A 212 14.98 -9.89 1.99
C GLN A 212 13.70 -9.43 1.32
N ALA A 213 13.79 -8.37 0.51
CA ALA A 213 12.60 -7.84 -0.15
C ALA A 213 12.18 -8.81 -1.25
N PRO A 215 10.27 -9.43 -5.08
CA PRO A 215 10.07 -8.62 -6.28
C PRO A 215 8.70 -7.95 -6.30
N ILE A 216 8.64 -6.66 -6.67
CA ILE A 216 7.38 -6.03 -7.07
C ILE A 216 7.62 -5.29 -8.37
N SER A 217 6.56 -5.15 -9.15
CA SER A 217 6.64 -4.57 -10.48
C SER A 217 5.41 -3.72 -10.78
N GLU A 218 5.44 -3.00 -11.88
CA GLU A 218 4.28 -2.25 -12.39
C GLU A 218 4.13 -2.57 -13.87
N LYS A 219 2.99 -2.23 -14.46
CA LYS A 219 2.68 -2.70 -15.80
C LYS A 219 3.35 -1.92 -16.91
N THR A 220 3.87 -0.75 -16.62
CA THR A 220 4.66 -0.02 -17.60
C THR A 220 5.97 0.37 -16.96
N PRO A 221 7.00 0.62 -17.78
CA PRO A 221 8.28 1.03 -17.20
C PRO A 221 8.16 2.39 -16.46
N GLN A 222 7.47 3.36 -17.07
CA GLN A 222 7.23 4.65 -16.41
C GLN A 222 6.58 4.50 -15.01
N ARG A 223 5.60 3.62 -14.89
CA ARG A 223 4.88 3.46 -13.63
C ARG A 223 5.77 2.83 -12.56
N ALA A 224 6.72 2.00 -12.98
CA ALA A 224 7.70 1.45 -12.05
C ALA A 224 8.52 2.58 -11.41
N VAL A 225 8.97 3.50 -12.26
CA VAL A 225 9.76 4.64 -11.83
C VAL A 225 8.91 5.56 -10.95
N GLU A 226 7.67 5.80 -11.37
CA GLU A 226 6.74 6.63 -10.61
C GLU A 226 6.50 6.09 -9.19
N GLN A 227 6.28 4.80 -9.04
CA GLN A 227 5.96 4.26 -7.74
C GLN A 227 7.16 4.11 -6.87
N PHE A 228 8.33 3.88 -7.49
CA PHE A 228 9.63 3.93 -6.82
C PHE A 228 9.86 5.29 -6.16
N ILE A 229 9.68 6.37 -6.91
CA ILE A 229 9.76 7.72 -6.36
C ILE A 229 8.68 8.01 -5.31
N TYR A 230 7.48 7.47 -5.47
CA TYR A 230 6.44 7.64 -4.48
C TYR A 230 6.84 6.97 -3.15
N ALA A 231 7.41 5.78 -3.24
CA ALA A 231 7.96 5.10 -2.05
C ALA A 231 8.99 5.97 -1.29
N ILE A 232 9.88 6.58 -2.04
CA ILE A 232 10.89 7.50 -1.48
C ILE A 232 10.23 8.69 -0.78
N GLU A 233 9.22 9.28 -1.44
CA GLU A 233 8.46 10.40 -0.89
C GLU A 233 7.80 10.05 0.43
N LYS A 234 7.32 8.81 0.55
CA LYS A 234 6.57 8.35 1.73
C LYS A 234 7.41 7.66 2.79
N GLY A 235 8.70 7.50 2.52
CA GLY A 235 9.60 6.82 3.44
C GLY A 235 9.45 5.31 3.43
N ASP A 236 8.95 4.76 2.32
CA ASP A 236 8.76 3.32 2.19
C ASP A 236 9.99 2.72 1.45
N LEU A 237 11.16 2.82 2.07
CA LEU A 237 12.40 2.49 1.38
C LEU A 237 12.55 1.00 1.12
N THR A 238 11.87 0.18 1.91
CA THR A 238 11.84 -1.24 1.63
C THR A 238 11.13 -1.55 0.34
N ARG A 239 10.01 -0.89 0.09
CA ARG A 239 9.28 -1.03 -1.14
C ARG A 239 10.11 -0.47 -2.31
N ALA A 240 10.82 0.62 -2.04
CA ALA A 240 11.75 1.15 -3.01
C ALA A 240 12.78 0.09 -3.43
N LEU A 241 13.27 -0.69 -2.48
CA LEU A 241 14.25 -1.73 -2.83
C LEU A 241 13.59 -2.88 -3.59
N ALA A 242 12.40 -3.28 -3.14
CA ALA A 242 11.58 -4.29 -3.84
C ALA A 242 11.45 -4.06 -5.35
N PHE A 243 11.38 -2.81 -5.79
CA PHE A 243 11.26 -2.49 -7.25
C PHE A 243 12.45 -2.92 -8.09
N ALA A 244 13.61 -3.11 -7.46
CA ALA A 244 14.80 -3.62 -8.16
C ALA A 244 15.19 -5.03 -7.73
N THR A 245 14.33 -5.70 -6.96
CA THR A 245 14.60 -7.07 -6.55
C THR A 245 14.17 -8.01 -7.68
N THR A 246 15.13 -8.54 -8.42
CA THR A 246 14.82 -9.29 -9.63
C THR A 246 14.52 -10.76 -9.39
N GLU A 247 14.92 -11.31 -8.26
CA GLU A 247 14.56 -12.70 -7.96
C GLU A 247 14.05 -12.85 -6.55
N SER A 248 13.18 -13.84 -6.38
CA SER A 248 12.81 -14.38 -5.09
C SER A 248 13.65 -15.64 -4.85
N SER A 249 13.51 -16.22 -3.66
CA SER A 249 14.16 -17.49 -3.35
C SER A 249 13.40 -18.15 -2.22
N GLN A 250 13.50 -19.45 -2.15
CA GLN A 250 12.80 -20.19 -1.11
C GLN A 250 13.47 -19.84 0.22
N ASP A 251 14.79 -19.99 0.27
CA ASP A 251 15.54 -19.74 1.48
C ASP A 251 16.31 -18.43 1.40
N THR A 252 16.87 -18.03 2.54
CA THR A 252 17.72 -16.84 2.63
C THR A 252 18.93 -17.02 1.72
N SER A 253 19.16 -16.05 0.84
CA SER A 253 20.20 -16.16 -0.19
C SER A 253 21.30 -15.12 0.03
N PRO A 254 22.56 -15.55 0.21
CA PRO A 254 23.63 -14.56 0.32
C PRO A 254 23.76 -13.69 -0.90
N GLU A 255 23.59 -14.28 -2.08
CA GLU A 255 23.73 -13.54 -3.32
C GLU A 255 22.66 -12.43 -3.42
N LEU A 256 21.42 -12.76 -3.07
CA LEU A 256 20.33 -11.78 -3.24
C LEU A 256 20.47 -10.67 -2.24
N LEU A 257 20.90 -11.02 -1.04
CA LEU A 257 21.11 -10.04 0.02
C LEU A 257 22.24 -9.07 -0.28
N LYS A 258 23.32 -9.56 -0.91
CA LYS A 258 24.42 -8.68 -1.25
C LYS A 258 23.98 -7.70 -2.36
N LYS A 259 23.25 -8.21 -3.34
CA LYS A 259 22.64 -7.38 -4.40
C LYS A 259 21.71 -6.31 -3.82
N GLN A 260 20.92 -6.70 -2.82
CA GLN A 260 20.02 -5.78 -2.12
C GLN A 260 20.82 -4.67 -1.43
N GLY A 261 21.90 -5.09 -0.76
CA GLY A 261 22.91 -4.18 -0.22
C GLY A 261 23.47 -3.21 -1.25
N GLU A 262 23.81 -3.69 -2.43
CA GLU A 262 24.30 -2.84 -3.52
C GLU A 262 23.25 -1.84 -4.01
N TYR A 263 22.02 -2.30 -4.18
CA TYR A 263 21.00 -1.40 -4.70
C TYR A 263 20.71 -0.32 -3.66
N ALA A 264 20.68 -0.70 -2.39
CA ALA A 264 20.54 0.24 -1.30
C ALA A 264 21.60 1.34 -1.37
N LYS A 265 22.83 0.93 -1.65
CA LYS A 265 23.91 1.85 -1.82
C LYS A 265 23.67 2.82 -2.97
N GLU A 266 23.18 2.30 -4.11
CA GLU A 266 22.88 3.14 -5.31
C GLU A 266 21.76 4.12 -5.02
N LEU A 267 20.76 3.65 -4.27
CA LEU A 267 19.61 4.46 -3.89
C LEU A 267 20.08 5.59 -2.96
N LYS A 268 20.75 5.21 -1.88
CA LYS A 268 21.41 6.18 -0.99
C LYS A 268 22.20 7.23 -1.76
N THR A 269 22.94 6.75 -2.75
CA THR A 269 23.79 7.59 -3.51
C THR A 269 22.96 8.63 -4.28
N LEU A 271 19.87 9.68 -3.41
CA LEU A 271 19.35 10.64 -2.43
C LEU A 271 20.43 11.65 -2.03
N TYR A 272 21.67 11.19 -1.86
CA TYR A 272 22.76 12.09 -1.48
C TYR A 272 22.98 13.10 -2.61
N GLY A 273 22.74 12.68 -3.84
CA GLY A 273 22.82 13.59 -4.99
C GLY A 273 21.86 14.76 -4.88
N PHE A 274 20.62 14.48 -4.50
CA PHE A 274 19.60 15.54 -4.33
C PHE A 274 19.91 16.38 -3.10
N LEU A 275 20.45 15.75 -2.06
CA LEU A 275 20.87 16.46 -0.86
C LEU A 275 22.13 17.29 -1.04
N GLY A 276 22.86 17.10 -2.14
CA GLY A 276 24.13 17.79 -2.35
C GLY A 276 25.32 17.23 -1.56
N THR A 277 25.30 15.94 -1.23
CA THR A 277 26.29 15.37 -0.35
C THR A 277 27.00 14.15 -0.92
N GLU A 278 26.73 13.81 -2.18
CA GLU A 278 27.28 12.57 -2.76
C GLU A 278 28.81 12.58 -2.81
N ASP A 279 29.39 13.77 -2.96
CA ASP A 279 30.85 13.94 -3.01
C ASP A 279 31.49 14.43 -1.68
N ALA A 280 30.77 14.35 -0.57
CA ALA A 280 31.30 14.79 0.73
C ALA A 280 32.44 13.92 1.21
N ARG A 281 33.47 14.56 1.76
CA ARG A 281 34.61 13.87 2.40
C ARG A 281 34.56 14.03 3.92
N LEU A 282 35.10 13.06 4.65
CA LEU A 282 35.13 13.13 6.11
C LEU A 282 36.45 13.62 6.69
N TYR A 283 37.47 13.77 5.86
CA TYR A 283 38.79 14.17 6.39
C TYR A 283 38.89 15.66 6.61
N GLY A 284 39.73 16.03 7.58
CA GLY A 284 40.01 17.42 7.88
C GLY A 284 38.77 18.23 8.16
N LYS A 285 37.85 17.65 8.92
CA LYS A 285 36.63 18.32 9.32
C LYS A 285 36.54 18.31 10.85
N SER A 286 36.27 19.49 11.42
CA SER A 286 36.02 19.61 12.86
C SER A 286 34.69 18.98 13.23
N GLU A 287 34.49 18.80 14.53
CA GLU A 287 33.26 18.23 15.08
C GLU A 287 32.08 19.06 14.66
N GLU A 288 32.31 20.37 14.53
CA GLU A 288 31.25 21.29 14.12
CA GLU A 288 31.26 21.30 14.13
C GLU A 288 30.87 21.05 12.67
N GLN A 289 31.87 20.95 11.80
CA GLN A 289 31.63 20.79 10.36
C GLN A 289 30.99 19.44 10.05
N LEU A 290 31.37 18.43 10.82
CA LEU A 290 30.73 17.12 10.74
C LEU A 290 29.26 17.22 11.13
N ASN A 291 28.97 17.99 12.17
CA ASN A 291 27.57 18.23 12.55
C ASN A 291 26.79 18.94 11.44
N LYS A 292 27.39 19.91 10.78
CA LYS A 292 26.71 20.55 9.64
C LYS A 292 26.38 19.50 8.57
N LEU A 293 27.33 18.62 8.27
CA LEU A 293 27.14 17.61 7.23
C LEU A 293 26.02 16.65 7.66
N ARG A 294 26.04 16.27 8.93
CA ARG A 294 24.94 15.48 9.53
C ARG A 294 23.59 16.15 9.24
N GLY A 295 23.50 17.46 9.48
CA GLY A 295 22.25 18.20 9.32
C GLY A 295 21.78 18.22 7.89
N LYS A 296 22.75 18.24 6.99
CA LYS A 296 22.52 18.28 5.55
C LYS A 296 22.01 16.95 4.97
N LEU A 297 22.14 15.87 5.75
CA LEU A 297 21.61 14.56 5.34
C LEU A 297 20.13 14.35 5.75
N ASN A 298 19.53 15.33 6.40
CA ASN A 298 18.12 15.23 6.82
C ASN A 298 17.23 14.93 5.61
N PRO A 299 16.50 13.80 5.65
CA PRO A 299 15.67 13.43 4.51
C PRO A 299 14.23 13.97 4.57
N GLU A 300 13.89 14.81 5.54
CA GLU A 300 12.51 15.27 5.72
C GLU A 300 11.92 15.94 4.48
N TYR A 301 12.76 16.42 3.57
CA TYR A 301 12.29 17.11 2.36
C TYR A 301 12.14 16.20 1.14
N VAL A 303 9.83 14.28 0.83
CA VAL A 303 8.43 14.33 0.52
C VAL A 303 8.13 15.32 -0.63
N TYR A 304 9.07 16.20 -0.92
CA TYR A 304 8.94 17.13 -2.05
C TYR A 304 9.91 16.80 -3.16
N LEU A 305 10.34 15.55 -3.23
CA LEU A 305 10.98 15.08 -4.43
C LEU A 305 9.87 14.65 -5.37
N ASP A 306 9.70 15.42 -6.45
CA ASP A 306 8.68 15.17 -7.44
C ASP A 306 9.26 14.83 -8.79
N LEU A 307 8.63 13.86 -9.41
CA LEU A 307 8.93 13.50 -10.76
C LEU A 307 8.09 14.40 -11.70
N ILE A 308 8.73 15.15 -12.58
CA ILE A 308 8.00 15.93 -13.59
C ILE A 308 7.62 15.04 -14.78
N LYS A 309 8.55 14.18 -15.18
CA LYS A 309 8.37 13.33 -16.35
C LYS A 309 9.34 12.16 -16.33
N VAL A 310 8.87 11.01 -16.79
CA VAL A 310 9.71 9.83 -17.06
C VAL A 310 9.80 9.66 -18.58
N ILE A 311 10.99 9.84 -19.14
CA ILE A 311 11.12 10.02 -20.60
C ILE A 311 11.96 8.91 -21.22
N PRO A 312 11.43 8.23 -22.25
CA PRO A 312 12.20 7.14 -22.82
C PRO A 312 13.45 7.65 -23.53
N ILE A 313 14.54 6.91 -23.34
CA ILE A 313 15.76 7.18 -24.08
C ILE A 313 15.82 6.26 -25.29
N GLU A 314 16.05 6.83 -26.47
CA GLU A 314 16.21 6.03 -27.65
C GLU A 314 17.68 5.65 -27.82
N THR A 315 17.98 4.35 -27.73
CA THR A 315 19.34 3.85 -27.94
C THR A 315 19.38 2.45 -28.56
N GLU A 316 20.34 2.27 -29.46
CA GLU A 316 20.82 0.95 -29.88
C GLU A 316 20.74 -0.17 -28.82
N GLU A 317 21.08 0.19 -27.58
CA GLU A 317 21.24 -0.83 -26.54
CA GLU A 317 21.25 -0.70 -26.42
C GLU A 317 19.93 -1.27 -25.86
N ASN A 318 18.82 -0.62 -26.19
CA ASN A 318 17.50 -1.08 -25.78
C ASN A 318 17.15 -2.40 -26.49
N THR A 319 16.56 -3.34 -25.75
CA THR A 319 16.05 -4.62 -26.28
C THR A 319 14.55 -4.72 -25.97
N GLU A 320 13.92 -5.82 -26.37
CA GLU A 320 12.50 -5.96 -26.09
CA GLU A 320 12.50 -6.10 -26.09
C GLU A 320 12.24 -6.07 -24.58
N THR A 321 13.27 -6.44 -23.82
CA THR A 321 13.13 -6.61 -22.37
C THR A 321 13.90 -5.63 -21.47
N VAL A 322 14.85 -4.88 -22.03
CA VAL A 322 15.59 -3.89 -21.26
C VAL A 322 15.56 -2.52 -21.92
N LYS A 323 15.13 -1.52 -21.14
CA LYS A 323 14.93 -0.17 -21.66
C LYS A 323 15.47 0.90 -20.72
N GLN A 324 16.07 1.94 -21.32
CA GLN A 324 16.60 3.05 -20.54
C GLN A 324 15.64 4.24 -20.57
N TYR A 325 15.49 4.86 -19.41
CA TYR A 325 14.57 5.95 -19.24
C TYR A 325 15.26 7.03 -18.42
N ALA A 326 14.91 8.30 -18.69
CA ALA A 326 15.38 9.43 -17.89
C ALA A 326 14.28 9.91 -16.98
N GLY A 327 14.65 10.21 -15.74
CA GLY A 327 13.73 10.83 -14.78
C GLY A 327 14.03 12.32 -14.73
N LEU A 328 13.00 13.14 -14.86
CA LEU A 328 13.14 14.59 -14.69
C LEU A 328 12.39 14.99 -13.42
N TYR A 329 13.06 15.73 -12.54
CA TYR A 329 12.56 15.94 -11.18
C TYR A 329 12.49 17.41 -10.80
N SER A 330 11.67 17.68 -9.79
CA SER A 330 11.81 18.86 -8.95
C SER A 330 12.04 18.36 -7.54
N TYR A 331 13.23 18.63 -7.01
CA TYR A 331 13.52 18.36 -5.60
C TYR A 331 13.47 19.69 -4.90
N ASN A 332 12.38 19.94 -4.18
CA ASN A 332 12.16 21.23 -3.50
C ASN A 332 12.44 22.44 -4.39
N GLY A 333 12.00 22.32 -5.64
CA GLY A 333 12.04 23.43 -6.58
C GLY A 333 13.27 23.48 -7.44
N LYS A 334 14.26 22.64 -7.15
CA LYS A 334 15.44 22.53 -8.00
C LYS A 334 15.28 21.31 -8.87
N ASN A 335 15.65 21.46 -10.14
CA ASN A 335 15.43 20.43 -11.16
C ASN A 335 16.66 19.61 -11.43
N TYR A 336 16.43 18.29 -11.52
CA TYR A 336 17.50 17.33 -11.76
C TYR A 336 17.09 16.33 -12.81
N LEU A 337 18.08 15.66 -13.38
CA LEU A 337 17.88 14.52 -14.22
C LEU A 337 18.57 13.31 -13.59
N THR A 338 17.93 12.15 -13.65
CA THR A 338 18.63 10.89 -13.42
C THR A 338 18.29 9.89 -14.50
N GLY A 339 19.02 8.78 -14.51
CA GLY A 339 18.83 7.69 -15.45
C GLY A 339 18.41 6.39 -14.81
N TYR A 340 17.57 5.65 -15.52
CA TYR A 340 17.12 4.33 -15.11
C TYR A 340 17.33 3.33 -16.23
N THR A 341 17.57 2.09 -15.86
CA THR A 341 17.57 0.98 -16.80
C THR A 341 16.53 0.05 -16.22
N LEU A 342 15.53 -0.29 -17.02
CA LEU A 342 14.39 -1.11 -16.56
C LEU A 342 14.32 -2.42 -17.32
N CYS A 343 13.87 -3.46 -16.61
CA CYS A 343 13.74 -4.80 -17.19
C CYS A 343 12.33 -5.37 -17.02
N ARG A 344 11.87 -6.04 -18.07
CA ARG A 344 10.54 -6.59 -18.19
C ARG A 344 10.54 -7.99 -17.65
N GLN A 345 9.82 -8.22 -16.56
CA GLN A 345 9.60 -9.55 -16.03
C GLN A 345 8.27 -10.06 -16.60
N GLU A 346 7.80 -11.19 -16.08
CA GLU A 346 6.53 -11.75 -16.53
C GLU A 346 5.34 -10.86 -16.24
N ASP A 347 5.23 -10.41 -14.99
CA ASP A 347 4.10 -9.56 -14.56
C ASP A 347 4.20 -8.17 -15.18
N GLY A 348 5.41 -7.63 -15.20
CA GLY A 348 5.63 -6.27 -15.66
C GLY A 348 7.06 -5.83 -15.43
N TRP A 349 7.24 -4.52 -15.29
CA TRP A 349 8.56 -3.90 -15.28
C TRP A 349 9.12 -3.62 -13.91
N GLN A 350 10.44 -3.78 -13.81
CA GLN A 350 11.23 -3.47 -12.60
C GLN A 350 12.42 -2.59 -12.95
N ILE A 351 13.03 -2.05 -11.91
CA ILE A 351 14.23 -1.26 -12.07
C ILE A 351 15.43 -2.22 -12.08
N GLN A 352 16.23 -2.19 -13.14
CA GLN A 352 17.49 -2.95 -13.16
C GLN A 352 18.62 -2.16 -12.50
N SER A 353 18.73 -0.88 -12.83
CA SER A 353 19.70 0.00 -12.18
C SER A 353 19.29 1.47 -12.24
N LEU A 354 19.91 2.26 -11.39
CA LEU A 354 19.71 3.68 -11.35
C LEU A 354 20.75 4.37 -12.24
N SER A 355 20.97 3.80 -13.42
CA SER A 355 21.88 4.36 -14.41
C SER A 355 21.23 4.38 -15.78
N ALA A 356 21.79 5.19 -16.65
CA ALA A 356 21.45 5.14 -18.07
C ALA A 356 22.72 5.41 -18.87
N PRO A 357 23.47 4.35 -19.18
CA PRO A 357 24.73 4.48 -19.89
C PRO A 357 24.58 5.27 -21.19
N ALA A 358 23.41 5.15 -21.81
CA ALA A 358 23.14 5.80 -23.10
C ALA A 358 23.21 7.34 -23.05
N LEU A 359 23.01 7.90 -21.86
CA LEU A 359 23.19 9.33 -21.63
C LEU A 359 24.37 9.61 -20.70
N SER A 360 25.27 8.63 -20.57
CA SER A 360 26.45 8.71 -19.71
C SER A 360 26.12 8.91 -18.22
N LEU A 361 24.93 8.49 -17.80
CA LEU A 361 24.52 8.63 -16.41
C LEU A 361 24.84 7.37 -15.61
N GLU A 362 25.79 7.50 -14.69
CA GLU A 362 26.21 6.38 -13.87
C GLU A 362 25.19 6.06 -12.77
N SER A 363 25.35 4.88 -12.21
CA SER A 363 24.49 4.39 -11.17
C SER A 363 24.36 5.37 -10.02
N GLY A 364 23.15 5.87 -9.75
CA GLY A 364 22.93 6.84 -8.68
C GLY A 364 23.34 8.28 -9.01
N GLU A 365 23.72 8.56 -10.26
CA GLU A 365 24.16 9.89 -10.62
C GLU A 365 22.95 10.82 -10.73
N VAL A 366 23.12 12.06 -10.28
CA VAL A 366 22.07 13.05 -10.37
C VAL A 366 22.69 14.25 -11.06
N ARG A 368 22.20 18.20 -12.12
CA ARG A 368 21.49 19.45 -11.93
C ARG A 368 21.14 20.05 -13.28
N LEU A 369 19.93 20.60 -13.40
CA LEU A 369 19.47 21.28 -14.62
C LEU A 369 19.04 22.71 -14.33
N SER A 370 19.34 23.62 -15.25
CA SER A 370 18.80 24.97 -15.16
C SER A 370 17.28 24.88 -15.40
N LYS A 371 16.55 25.93 -15.02
CA LYS A 371 15.12 26.01 -15.32
C LYS A 371 14.88 25.95 -16.83
N GLU A 372 15.75 26.60 -17.59
CA GLU A 372 15.72 26.54 -19.05
C GLU A 372 15.89 25.08 -19.50
N GLU A 373 16.97 24.45 -19.06
CA GLU A 373 17.23 23.06 -19.40
C GLU A 373 16.07 22.13 -19.00
N SER A 374 15.48 22.36 -17.83
CA SER A 374 14.40 21.52 -17.31
C SER A 374 13.14 21.63 -18.16
N ARG A 375 12.85 22.85 -18.61
CA ARG A 375 11.67 23.09 -19.45
C ARG A 375 11.83 22.50 -20.84
N LYS A 376 13.02 22.62 -21.41
CA LYS A 376 13.32 22.01 -22.71
C LYS A 376 13.21 20.49 -22.68
N THR A 377 13.69 19.90 -21.58
CA THR A 377 13.64 18.46 -21.40
C THR A 377 12.20 17.98 -21.22
N SER A 378 11.42 18.71 -20.44
CA SER A 378 10.00 18.38 -20.22
C SER A 378 9.17 18.37 -21.50
N GLU A 379 9.59 19.14 -22.49
CA GLU A 379 8.94 19.17 -23.80
C GLU A 379 9.26 17.97 -24.69
N GLN A 380 10.33 17.24 -24.38
CA GLN A 380 10.70 16.05 -25.15
C GLN A 380 9.78 14.87 -24.85
N SER A 381 9.43 14.13 -25.89
CA SER A 381 8.77 12.84 -25.70
C SER A 381 9.80 11.71 -25.76
N VAL A 382 10.99 12.00 -26.30
CA VAL A 382 12.07 11.02 -26.34
C VAL A 382 13.44 11.69 -26.35
N LEU A 383 14.39 11.13 -25.63
CA LEU A 383 15.76 11.65 -25.62
C LEU A 383 16.63 10.72 -26.44
N LYS A 384 17.29 11.27 -27.47
CA LYS A 384 18.13 10.47 -28.37
C LYS A 384 19.56 10.39 -27.85
N ALA A 385 20.11 9.19 -27.74
CA ALA A 385 21.44 8.97 -27.16
C ALA A 385 22.48 9.98 -27.65
N SER B 14 -51.50 -32.10 10.97
CA SER B 14 -51.06 -31.56 9.64
C SER B 14 -49.65 -30.95 9.72
N LEU B 15 -48.65 -31.82 9.84
CA LEU B 15 -47.24 -31.44 10.05
C LEU B 15 -46.64 -30.50 9.01
N GLN B 16 -47.22 -30.43 7.81
CA GLN B 16 -46.66 -29.58 6.75
C GLN B 16 -47.07 -28.10 6.87
N LYS B 17 -47.91 -27.80 7.86
CA LYS B 17 -48.09 -26.43 8.36
C LYS B 17 -46.85 -26.03 9.17
N GLU B 18 -46.37 -26.97 10.00
CA GLU B 18 -45.11 -26.81 10.77
C GLU B 18 -43.90 -26.57 9.85
N SER B 19 -43.94 -27.10 8.62
CA SER B 19 -42.88 -26.87 7.63
C SER B 19 -42.90 -25.44 7.07
N GLU B 20 -44.05 -24.77 7.16
CA GLU B 20 -44.18 -23.36 6.74
C GLU B 20 -44.29 -22.38 7.91
N ILE B 21 -44.90 -22.78 9.03
CA ILE B 21 -44.93 -21.95 10.25
C ILE B 21 -43.49 -21.69 10.75
N THR B 22 -42.56 -22.62 10.46
CA THR B 22 -41.14 -22.45 10.78
C THR B 22 -40.40 -21.63 9.72
N SER B 23 -40.56 -22.00 8.45
CA SER B 23 -39.88 -21.32 7.34
C SER B 23 -40.31 -19.86 7.16
N PHE B 24 -41.59 -19.60 7.45
CA PHE B 24 -42.15 -18.25 7.45
C PHE B 24 -41.63 -17.42 8.64
N SER B 25 -41.35 -18.09 9.77
CA SER B 25 -40.77 -17.41 10.96
C SER B 25 -39.32 -16.97 10.73
N GLU B 26 -38.62 -17.61 9.78
CA GLU B 26 -37.25 -17.22 9.43
C GLU B 26 -37.21 -15.95 8.58
N GLU B 27 -38.11 -15.83 7.62
CA GLU B 27 -38.25 -14.58 6.86
C GLU B 27 -38.95 -13.50 7.71
N GLU B 28 -39.76 -13.93 8.67
CA GLU B 28 -40.37 -13.05 9.67
C GLU B 28 -39.28 -12.42 10.54
N GLU B 29 -38.33 -13.24 11.01
CA GLU B 29 -37.19 -12.78 11.80
C GLU B 29 -36.34 -11.70 11.10
N ALA B 30 -36.24 -11.79 9.77
CA ALA B 30 -35.51 -10.78 8.99
C ALA B 30 -36.27 -9.45 9.00
N VAL B 31 -37.60 -9.55 9.06
CA VAL B 31 -38.48 -8.37 9.15
C VAL B 31 -38.43 -7.81 10.54
N LEU B 32 -38.59 -8.71 11.52
CA LEU B 32 -38.48 -8.38 12.92
C LEU B 32 -37.19 -7.65 13.25
N TYR B 33 -36.08 -8.08 12.65
CA TYR B 33 -34.78 -7.47 12.90
C TYR B 33 -34.73 -6.04 12.32
N LEU B 35 -37.31 -4.06 11.85
CA LEU B 35 -38.26 -3.20 12.53
C LEU B 35 -37.71 -2.77 13.90
N SER B 36 -37.03 -3.70 14.57
CA SER B 36 -36.27 -3.38 15.78
C SER B 36 -35.23 -2.29 15.47
N ALA B 37 -34.39 -2.54 14.47
CA ALA B 37 -33.43 -1.53 14.03
C ALA B 37 -34.07 -0.13 13.86
N LEU B 38 -35.25 -0.09 13.25
CA LEU B 38 -36.00 1.18 13.12
C LEU B 38 -36.55 1.72 14.43
N LYS B 39 -37.05 0.82 15.29
CA LYS B 39 -37.54 1.20 16.60
C LYS B 39 -36.43 1.84 17.45
N LYS B 40 -35.24 1.24 17.42
CA LYS B 40 -34.08 1.75 18.17
C LYS B 40 -33.30 2.79 17.37
N ASN B 41 -33.80 3.16 16.20
CA ASN B 41 -33.06 4.05 15.32
C ASN B 41 -31.57 3.66 15.34
N ASP B 42 -31.29 2.41 14.99
CA ASP B 42 -29.92 1.87 14.98
C ASP B 42 -29.54 1.61 13.52
N LEU B 43 -28.93 2.61 12.92
CA LEU B 43 -28.55 2.53 11.52
C LEU B 43 -27.60 1.36 11.31
N ASP B 44 -26.59 1.26 12.17
CA ASP B 44 -25.56 0.22 12.11
C ASP B 44 -26.22 -1.17 12.09
N ALA B 46 -29.58 -1.80 11.41
CA ALA B 46 -30.34 -1.79 10.15
C ALA B 46 -29.55 -2.36 8.99
N LEU B 47 -28.34 -1.87 8.80
CA LEU B 47 -27.61 -2.13 7.55
C LEU B 47 -27.21 -3.60 7.43
N ARG B 48 -26.96 -4.22 8.58
CA ARG B 48 -26.57 -5.64 8.67
C ARG B 48 -27.73 -6.64 8.44
N GLY B 49 -28.97 -6.18 8.58
CA GLY B 49 -30.15 -6.97 8.13
C GLY B 49 -30.46 -6.80 6.63
N CYS B 50 -29.62 -6.06 5.92
CA CYS B 50 -29.84 -5.84 4.48
C CYS B 50 -28.85 -6.65 3.66
N ALA B 51 -29.31 -7.21 2.55
CA ALA B 51 -28.47 -8.13 1.76
C ALA B 51 -27.51 -7.36 0.83
N ILE B 52 -26.63 -6.55 1.43
CA ILE B 52 -25.72 -5.71 0.67
C ILE B 52 -24.70 -6.52 -0.14
N ASP B 53 -23.92 -7.35 0.56
CA ASP B 53 -22.83 -8.10 -0.09
C ASP B 53 -23.38 -9.18 -1.01
N GLU B 54 -24.41 -9.89 -0.53
CA GLU B 54 -24.97 -10.99 -1.30
C GLU B 54 -25.41 -10.49 -2.66
N THR B 55 -26.28 -9.48 -2.66
CA THR B 55 -26.80 -8.95 -3.89
C THR B 55 -25.70 -8.32 -4.75
N ALA B 56 -24.77 -7.60 -4.11
CA ALA B 56 -23.63 -7.03 -4.81
C ALA B 56 -22.89 -8.10 -5.63
N LEU B 57 -22.67 -9.26 -5.01
CA LEU B 57 -21.91 -10.33 -5.66
C LEU B 57 -22.72 -11.23 -6.59
N GLN B 58 -24.04 -11.22 -6.44
CA GLN B 58 -24.90 -12.21 -7.08
C GLN B 58 -25.83 -11.65 -8.15
N ILE B 59 -26.12 -10.35 -8.10
CA ILE B 59 -27.20 -9.81 -8.91
C ILE B 59 -27.03 -10.16 -10.40
N ASN B 60 -28.16 -10.41 -11.06
CA ASN B 60 -28.19 -10.70 -12.49
C ASN B 60 -28.44 -9.40 -13.23
N PHE B 61 -27.41 -8.92 -13.93
CA PHE B 61 -27.44 -7.64 -14.65
C PHE B 61 -28.56 -7.57 -15.67
N VAL B 62 -28.60 -8.55 -16.56
CA VAL B 62 -29.58 -8.59 -17.64
C VAL B 62 -31.01 -8.69 -17.10
N LYS B 63 -31.26 -9.57 -16.13
CA LYS B 63 -32.63 -9.73 -15.59
C LYS B 63 -33.07 -8.50 -14.79
N THR B 64 -32.14 -7.84 -14.13
CA THR B 64 -32.46 -6.62 -13.39
C THR B 64 -32.72 -5.48 -14.39
N ALA B 65 -31.95 -5.47 -15.48
CA ALA B 65 -32.13 -4.47 -16.55
C ALA B 65 -33.47 -4.63 -17.23
N GLU B 66 -33.86 -5.88 -17.48
CA GLU B 66 -35.13 -6.15 -18.11
C GLU B 66 -36.31 -5.85 -17.17
N GLU B 67 -36.05 -5.82 -15.87
CA GLU B 67 -37.08 -5.50 -14.87
C GLU B 67 -37.24 -3.97 -14.68
N LEU B 68 -36.14 -3.24 -14.73
CA LEU B 68 -36.15 -1.77 -14.58
C LEU B 68 -35.61 -1.09 -15.83
N PRO B 69 -36.27 -1.30 -16.97
CA PRO B 69 -35.83 -0.75 -18.25
C PRO B 69 -35.92 0.78 -18.34
N GLY B 70 -36.64 1.37 -17.41
CA GLY B 70 -36.74 2.82 -17.30
C GLY B 70 -35.46 3.54 -16.90
N GLN B 72 -31.44 4.71 -16.32
CA GLN B 72 -30.21 5.03 -16.97
C GLN B 72 -29.19 4.15 -16.26
N LEU B 73 -28.18 3.72 -17.01
CA LEU B 73 -27.15 2.86 -16.49
C LEU B 73 -26.46 3.51 -15.28
N ILE B 74 -26.14 4.79 -15.37
CA ILE B 74 -25.45 5.46 -14.25
C ILE B 74 -26.24 5.46 -12.95
N ASP B 75 -27.55 5.23 -13.02
CA ASP B 75 -28.39 5.26 -11.82
C ASP B 75 -28.51 3.88 -11.17
N LEU B 76 -27.83 2.89 -11.74
CA LEU B 76 -27.74 1.54 -11.16
C LEU B 76 -26.35 1.34 -10.59
N PRO B 77 -26.23 0.67 -9.44
CA PRO B 77 -24.88 0.41 -8.95
C PRO B 77 -23.99 -0.33 -9.95
N ALA B 78 -22.68 -0.22 -9.78
CA ALA B 78 -21.70 -0.87 -10.67
C ALA B 78 -21.86 -2.40 -10.70
N PRO B 79 -21.47 -3.05 -11.82
CA PRO B 79 -21.66 -4.51 -11.99
C PRO B 79 -20.62 -5.40 -11.29
N THR B 80 -20.63 -5.37 -9.97
CA THR B 80 -19.75 -6.18 -9.17
C THR B 80 -19.93 -7.69 -9.38
N SER B 81 -21.18 -8.13 -9.59
CA SER B 81 -21.45 -9.56 -9.80
C SER B 81 -20.79 -10.10 -11.09
N ASP B 82 -20.51 -9.23 -12.06
CA ASP B 82 -19.75 -9.62 -13.27
C ASP B 82 -18.26 -9.32 -13.15
N TYR B 83 -17.89 -8.19 -12.53
CA TYR B 83 -16.50 -7.80 -12.35
C TYR B 83 -16.24 -7.35 -10.90
N SER B 84 -15.62 -8.22 -10.10
CA SER B 84 -15.39 -7.96 -8.67
C SER B 84 -14.58 -6.68 -8.40
N TYR B 85 -13.85 -6.22 -9.41
CA TYR B 85 -13.21 -4.90 -9.40
C TYR B 85 -14.10 -3.77 -8.82
N TYR B 86 -15.41 -3.81 -9.14
CA TYR B 86 -16.33 -2.72 -8.75
C TYR B 86 -16.85 -2.84 -7.29
N PHE B 87 -16.51 -3.90 -6.57
CA PHE B 87 -17.14 -4.16 -5.28
C PHE B 87 -17.28 -2.92 -4.38
N PRO B 88 -16.19 -2.18 -4.10
CA PRO B 88 -16.36 -1.06 -3.17
C PRO B 88 -17.36 0.01 -3.64
N LEU B 89 -17.49 0.23 -4.94
CA LEU B 89 -18.47 1.20 -5.44
C LEU B 89 -19.89 0.71 -5.27
N THR B 90 -20.09 -0.59 -5.44
CA THR B 90 -21.43 -1.16 -5.50
C THR B 90 -21.98 -1.19 -4.08
N SER B 91 -21.13 -1.64 -3.15
CA SER B 91 -21.37 -1.59 -1.73
C SER B 91 -21.66 -0.19 -1.20
N ALA B 92 -20.86 0.80 -1.62
CA ALA B 92 -21.06 2.18 -1.17
C ALA B 92 -22.39 2.73 -1.67
N GLU B 93 -22.67 2.56 -2.97
CA GLU B 93 -23.96 3.03 -3.53
C GLU B 93 -25.17 2.31 -2.93
N THR B 95 -25.25 1.05 0.01
CA THR B 95 -25.31 1.46 1.40
C THR B 95 -26.04 2.80 1.48
N LYS B 96 -25.83 3.69 0.52
CA LYS B 96 -26.53 4.96 0.49
C LYS B 96 -28.01 4.77 0.21
N ALA B 97 -28.34 3.88 -0.74
CA ALA B 97 -29.74 3.62 -1.09
C ALA B 97 -30.54 3.10 0.11
N TYR B 98 -29.93 2.24 0.92
CA TYR B 98 -30.61 1.72 2.12
C TYR B 98 -30.83 2.76 3.21
N ILE B 99 -29.82 3.55 3.49
CA ILE B 99 -29.93 4.62 4.48
C ILE B 99 -31.09 5.56 4.15
N GLU B 100 -31.19 5.91 2.86
CA GLU B 100 -32.26 6.77 2.38
C GLU B 100 -33.63 6.12 2.57
N GLN B 101 -33.75 4.81 2.29
CA GLN B 101 -34.97 4.10 2.64
C GLN B 101 -35.25 4.17 4.15
N PHE B 102 -34.23 3.97 4.98
CA PHE B 102 -34.41 3.97 6.44
CA PHE B 102 -34.39 3.97 6.45
C PHE B 102 -34.96 5.33 6.90
N GLU B 103 -34.41 6.40 6.30
CA GLU B 103 -34.75 7.79 6.65
C GLU B 103 -36.14 8.18 6.20
N GLU B 104 -36.49 7.81 4.96
CA GLU B 104 -37.80 8.11 4.40
C GLU B 104 -38.89 7.52 5.27
N LEU B 105 -38.71 6.25 5.61
CA LEU B 105 -39.65 5.55 6.47
C LEU B 105 -39.72 6.21 7.84
N SER B 106 -38.57 6.49 8.44
CA SER B 106 -38.51 7.11 9.77
C SER B 106 -39.22 8.45 9.82
N THR B 107 -39.06 9.24 8.77
CA THR B 107 -39.70 10.54 8.69
C THR B 107 -41.23 10.42 8.63
N GLU B 108 -41.73 9.48 7.83
CA GLU B 108 -43.18 9.32 7.64
C GLU B 108 -43.88 8.81 8.89
N ILE B 109 -43.16 8.05 9.71
CA ILE B 109 -43.76 7.47 10.91
C ILE B 109 -43.35 8.24 12.16
N PRO B 110 -44.24 9.10 12.69
CA PRO B 110 -43.95 9.71 13.98
C PRO B 110 -44.09 8.70 15.11
N GLU B 111 -43.28 8.86 16.15
CA GLU B 111 -43.28 7.98 17.31
C GLU B 111 -42.82 6.56 16.98
N ILE B 112 -41.87 6.44 16.05
CA ILE B 112 -41.34 5.14 15.60
C ILE B 112 -40.65 4.35 16.73
N GLU B 113 -40.18 5.05 17.74
CA GLU B 113 -39.56 4.42 18.92
C GLU B 113 -40.61 3.66 19.72
N THR B 114 -41.88 3.98 19.50
CA THR B 114 -43.00 3.36 20.20
C THR B 114 -43.63 2.21 19.38
N LEU B 115 -42.95 1.79 18.30
CA LEU B 115 -43.51 0.86 17.30
C LEU B 115 -43.80 -0.56 17.84
N GLU B 116 -45.08 -0.91 17.94
CA GLU B 116 -45.50 -2.28 18.24
C GLU B 116 -45.94 -2.97 16.94
N VAL B 117 -45.71 -4.27 16.84
CA VAL B 117 -45.96 -5.03 15.60
C VAL B 117 -47.29 -5.77 15.64
N LEU B 118 -48.16 -5.48 14.68
CA LEU B 118 -49.50 -6.09 14.65
C LEU B 118 -49.51 -7.38 13.84
N GLU B 119 -48.92 -7.36 12.64
CA GLU B 119 -48.95 -8.53 11.76
C GLU B 119 -47.85 -8.49 10.73
N ILE B 120 -47.32 -9.66 10.40
CA ILE B 120 -46.50 -9.87 9.20
C ILE B 120 -47.21 -10.98 8.42
N ALA B 121 -47.28 -10.83 7.10
CA ALA B 121 -48.04 -11.76 6.26
C ALA B 121 -47.48 -11.81 4.85
N GLU B 122 -47.36 -13.03 4.31
CA GLU B 122 -46.84 -13.24 2.97
C GLU B 122 -47.89 -12.76 1.98
N LYS B 123 -47.46 -11.98 0.98
CA LYS B 123 -48.30 -11.67 -0.18
C LYS B 123 -48.28 -12.87 -1.13
N LYS B 124 -49.46 -13.27 -1.61
CA LYS B 124 -49.58 -14.38 -2.55
C LYS B 124 -49.29 -13.88 -3.97
N GLU B 125 -48.01 -13.68 -4.29
CA GLU B 125 -47.58 -13.23 -5.60
C GLU B 125 -46.41 -14.07 -6.10
N LYS B 126 -46.60 -15.39 -6.08
CA LYS B 126 -45.53 -16.35 -6.38
C LYS B 126 -44.80 -16.03 -7.70
N GLU B 127 -45.55 -15.65 -8.72
CA GLU B 127 -44.98 -15.36 -10.04
C GLU B 127 -44.05 -14.15 -9.98
N ARG B 128 -44.55 -13.09 -9.36
CA ARG B 128 -43.77 -11.89 -9.09
C ARG B 128 -42.51 -12.19 -8.23
N GLU B 129 -42.69 -12.91 -7.15
CA GLU B 129 -41.58 -13.29 -6.26
C GLU B 129 -40.49 -14.05 -7.01
N GLU B 130 -40.87 -15.01 -7.84
CA GLU B 130 -39.89 -15.76 -8.64
C GLU B 130 -39.17 -14.88 -9.65
N GLN B 131 -39.91 -13.94 -10.23
CA GLN B 131 -39.36 -13.00 -11.20
C GLN B 131 -38.24 -12.18 -10.57
N LEU B 132 -38.50 -11.66 -9.36
CA LEU B 132 -37.52 -10.86 -8.62
C LEU B 132 -36.33 -11.68 -8.16
N ALA B 133 -36.62 -12.87 -7.62
CA ALA B 133 -35.56 -13.83 -7.26
C ALA B 133 -34.56 -14.03 -8.38
N GLU B 134 -35.06 -14.11 -9.61
CA GLU B 134 -34.20 -14.29 -10.77
C GLU B 134 -33.38 -13.02 -11.04
N CYS B 135 -33.96 -11.84 -10.85
CA CYS B 135 -33.18 -10.59 -10.93
C CYS B 135 -32.02 -10.60 -9.96
N LEU B 136 -32.26 -11.11 -8.76
CA LEU B 136 -31.29 -11.07 -7.69
C LEU B 136 -30.40 -12.31 -7.61
N ALA B 137 -30.68 -13.30 -8.45
CA ALA B 137 -30.02 -14.60 -8.42
C ALA B 137 -30.08 -15.19 -7.02
N ALA B 138 -31.28 -15.14 -6.43
CA ALA B 138 -31.50 -15.58 -5.06
C ALA B 138 -32.31 -16.86 -5.05
N GLN B 139 -32.26 -17.59 -3.94
CA GLN B 139 -32.98 -18.84 -3.82
C GLN B 139 -34.46 -18.59 -3.70
N GLU B 140 -34.82 -17.48 -3.04
CA GLU B 140 -36.20 -17.09 -2.94
C GLU B 140 -36.33 -15.60 -2.68
N VAL B 141 -37.50 -15.08 -2.99
CA VAL B 141 -37.89 -13.74 -2.59
C VAL B 141 -39.26 -13.82 -1.93
N SER B 142 -39.51 -12.90 -1.01
CA SER B 142 -40.77 -12.86 -0.31
C SER B 142 -41.21 -11.42 -0.02
N GLU B 143 -42.34 -11.02 -0.59
CA GLU B 143 -42.92 -9.71 -0.32
C GLU B 143 -43.86 -9.87 0.86
N LEU B 144 -43.61 -9.09 1.91
CA LEU B 144 -44.37 -9.23 3.16
C LEU B 144 -45.12 -7.96 3.45
N GLU B 145 -46.37 -8.13 3.87
CA GLU B 145 -47.24 -7.04 4.27
C GLU B 145 -47.12 -6.93 5.78
N ILE B 146 -46.80 -5.73 6.26
CA ILE B 146 -46.42 -5.53 7.67
C ILE B 146 -47.28 -4.45 8.31
N TYR B 147 -47.92 -4.80 9.41
CA TYR B 147 -48.79 -3.87 10.11
C TYR B 147 -48.18 -3.52 11.45
N VAL B 148 -47.97 -2.22 11.65
CA VAL B 148 -47.39 -1.68 12.89
C VAL B 148 -48.28 -0.62 13.56
N LYS B 149 -48.15 -0.53 14.88
CA LYS B 149 -48.86 0.45 15.70
C LYS B 149 -47.82 1.42 16.25
N CYS B 150 -48.00 2.72 15.99
CA CYS B 150 -47.11 3.75 16.56
C CYS B 150 -47.96 4.83 17.22
N GLY B 151 -48.23 4.63 18.50
CA GLY B 151 -49.06 5.55 19.28
C GLY B 151 -50.52 5.26 19.06
N GLU B 152 -51.29 6.28 18.70
CA GLU B 152 -52.71 6.12 18.43
C GLU B 152 -52.95 5.57 17.04
N GLN B 153 -51.98 5.74 16.14
CA GLN B 153 -52.15 5.45 14.73
C GLN B 153 -51.56 4.09 14.35
N SER B 154 -52.02 3.54 13.21
CA SER B 154 -51.46 2.31 12.65
C SER B 154 -51.10 2.46 11.17
N TYR B 155 -50.11 1.68 10.72
CA TYR B 155 -49.51 1.87 9.38
C TYR B 155 -49.28 0.53 8.65
N ARG B 156 -49.38 0.56 7.32
CA ARG B 156 -49.00 -0.58 6.49
C ARG B 156 -47.66 -0.34 5.80
N LEU B 157 -46.73 -1.25 6.04
CA LEU B 157 -45.45 -1.31 5.35
C LEU B 157 -45.42 -2.55 4.47
N GLY B 158 -44.53 -2.54 3.48
CA GLY B 158 -44.29 -3.72 2.64
C GLY B 158 -42.81 -3.84 2.35
N PHE B 159 -42.20 -4.92 2.86
CA PHE B 159 -40.77 -5.18 2.60
C PHE B 159 -40.58 -6.35 1.62
N THR B 160 -39.45 -6.31 0.94
CA THR B 160 -39.04 -7.38 0.02
C THR B 160 -37.86 -8.10 0.65
N ALA B 161 -38.13 -9.29 1.19
CA ALA B 161 -37.12 -10.14 1.82
C ALA B 161 -36.53 -11.06 0.79
N VAL B 162 -35.32 -11.53 1.07
CA VAL B 162 -34.58 -12.32 0.10
C VAL B 162 -33.73 -13.37 0.80
N GLN B 163 -33.64 -14.54 0.17
CA GLN B 163 -32.91 -15.68 0.70
C GLN B 163 -31.70 -16.03 -0.16
N TYR B 164 -30.52 -16.00 0.45
CA TYR B 164 -29.30 -16.53 -0.17
C TYR B 164 -28.73 -17.61 0.76
N GLU B 165 -28.46 -18.77 0.19
CA GLU B 165 -27.93 -19.92 0.94
C GLU B 165 -28.68 -20.22 2.24
N LYS B 166 -30.00 -20.29 2.16
CA LYS B 166 -30.86 -20.60 3.31
C LYS B 166 -30.94 -19.49 4.38
N ASN B 167 -30.30 -18.34 4.15
CA ASN B 167 -30.33 -17.20 5.08
C ASN B 167 -31.19 -16.06 4.54
N TRP B 168 -32.12 -15.58 5.37
CA TRP B 168 -33.04 -14.54 4.98
C TRP B 168 -32.51 -13.18 5.44
N LYS B 169 -32.66 -12.21 4.55
CA LYS B 169 -32.30 -10.83 4.83
C LYS B 169 -33.20 -9.92 4.04
N ILE B 170 -33.20 -8.65 4.37
CA ILE B 170 -34.10 -7.70 3.73
C ILE B 170 -33.39 -7.21 2.51
N HIS B 171 -34.11 -7.15 1.37
CA HIS B 171 -33.56 -6.56 0.14
C HIS B 171 -34.06 -5.15 -0.14
N SER B 172 -35.33 -4.89 0.19
CA SER B 172 -35.90 -3.55 0.11
C SER B 172 -36.97 -3.32 1.17
N LEU B 173 -37.08 -2.06 1.60
CA LEU B 173 -38.10 -1.60 2.54
C LEU B 173 -39.35 -1.07 1.82
N LYS B 174 -39.35 -1.14 0.48
CA LYS B 174 -40.58 -0.97 -0.29
C LYS B 174 -40.83 -2.25 -1.07
N GLU B 175 -42.02 -2.34 -1.67
CA GLU B 175 -42.39 -3.51 -2.46
C GLU B 175 -41.64 -3.44 -3.80
N GLY B 176 -40.78 -4.42 -4.04
CA GLY B 176 -39.97 -4.48 -5.24
C GLY B 176 -38.48 -4.24 -5.02
N LEU B 177 -37.76 -4.06 -6.12
CA LEU B 177 -36.31 -3.94 -6.07
C LEU B 177 -35.85 -2.62 -5.48
N LEU B 178 -34.70 -2.66 -4.79
CA LEU B 178 -34.08 -1.51 -4.17
C LEU B 178 -33.78 -0.39 -5.16
N TYR B 179 -33.43 -0.75 -6.39
CA TYR B 179 -32.89 0.23 -7.35
C TYR B 179 -33.96 1.14 -7.94
N GLU B 180 -35.22 0.89 -7.63
CA GLU B 180 -36.30 1.69 -8.16
C GLU B 180 -36.44 3.03 -7.43
N THR B 181 -36.10 4.12 -8.15
CA THR B 181 -36.12 5.47 -7.60
C THR B 181 -37.31 6.24 -8.11
N ASP B 182 -37.47 7.46 -7.59
CA ASP B 182 -38.66 8.29 -7.82
C ASP B 182 -39.91 7.62 -7.22
N ILE B 183 -39.71 6.75 -6.24
CA ILE B 183 -40.79 6.01 -5.59
C ILE B 183 -40.79 6.42 -4.12
N PRO B 184 -41.92 6.96 -3.62
CA PRO B 184 -41.92 7.41 -2.23
C PRO B 184 -41.97 6.24 -1.23
N ALA B 185 -41.92 6.56 0.06
CA ALA B 185 -41.97 5.53 1.13
C ALA B 185 -43.23 4.69 1.03
N CYS B 186 -43.08 3.37 1.11
CA CYS B 186 -44.24 2.48 1.25
C CYS B 186 -44.73 2.54 2.68
N VAL B 187 -45.55 3.54 2.97
CA VAL B 187 -46.20 3.67 4.25
C VAL B 187 -47.56 4.28 3.96
N GLN B 188 -48.60 3.68 4.52
CA GLN B 188 -49.94 4.22 4.37
C GLN B 188 -50.71 4.00 5.64
N GLU B 190 -53.62 3.18 8.24
CA GLU B 190 -54.56 2.07 8.31
C GLU B 190 -55.41 2.22 9.56
N GLU B 191 -56.69 1.88 9.43
CA GLU B 191 -57.58 1.83 10.58
C GLU B 191 -57.07 0.81 11.59
N ARG B 193 -56.19 -2.02 14.35
CA ARG B 193 -56.22 -3.47 14.20
C ARG B 193 -55.74 -4.07 15.52
N GLU B 194 -56.25 -5.25 15.87
CA GLU B 194 -55.74 -5.99 17.01
C GLU B 194 -54.46 -6.72 16.56
N ALA B 195 -53.54 -6.94 17.49
CA ALA B 195 -52.28 -7.66 17.19
C ALA B 195 -52.54 -9.14 16.96
N LYS B 196 -51.77 -9.76 16.06
CA LYS B 196 -51.87 -11.21 15.87
C LYS B 196 -51.19 -11.96 17.01
N LYS B 197 -49.98 -11.52 17.39
CA LYS B 197 -49.22 -12.20 18.44
C LYS B 197 -48.08 -11.36 18.98
N THR B 198 -47.47 -11.83 20.06
CA THR B 198 -46.33 -11.16 20.67
C THR B 198 -45.09 -11.42 19.82
N TYR B 199 -44.73 -10.45 19.01
CA TYR B 199 -43.60 -10.58 18.13
C TYR B 199 -42.34 -10.13 18.84
N VAL B 200 -41.38 -11.04 18.97
CA VAL B 200 -40.11 -10.71 19.62
C VAL B 200 -39.26 -9.86 18.69
N LEU B 201 -38.65 -8.81 19.25
CA LEU B 201 -37.80 -7.88 18.49
C LEU B 201 -36.36 -8.01 18.98
N PRO B 202 -35.46 -8.51 18.12
CA PRO B 202 -34.11 -8.90 18.54
C PRO B 202 -33.18 -7.71 18.91
N ASN B 203 -32.16 -7.98 19.72
CA ASN B 203 -31.11 -6.98 20.05
C ASN B 203 -29.75 -7.23 19.38
N GLN B 204 -29.35 -8.50 19.27
CA GLN B 204 -28.05 -8.88 18.71
C GLN B 204 -27.98 -8.57 17.21
N LEU B 205 -26.82 -8.13 16.73
CA LEU B 205 -26.62 -7.75 15.33
C LEU B 205 -25.98 -8.89 14.51
N THR B 206 -26.19 -8.85 13.19
CA THR B 206 -25.53 -9.77 12.24
C THR B 206 -24.16 -9.21 11.83
N GLY B 207 -23.46 -9.93 10.96
CA GLY B 207 -22.10 -9.57 10.58
C GLY B 207 -22.06 -8.24 9.87
N ALA B 208 -20.97 -7.50 10.05
CA ALA B 208 -20.74 -6.23 9.38
C ALA B 208 -20.82 -6.45 7.89
N ASN B 209 -21.44 -5.53 7.17
CA ASN B 209 -21.59 -5.69 5.70
C ASN B 209 -21.49 -4.39 4.91
N TYR B 210 -20.80 -3.40 5.48
CA TYR B 210 -20.62 -2.10 4.82
C TYR B 210 -19.29 -1.54 5.31
N PHE B 211 -18.71 -0.61 4.56
CA PHE B 211 -17.45 0.00 4.97
C PHE B 211 -17.56 1.51 5.03
N GLN B 212 -16.77 2.10 5.92
CA GLN B 212 -16.58 3.54 5.98
C GLN B 212 -15.09 3.81 5.75
N ALA B 213 -14.78 4.33 4.57
CA ALA B 213 -13.40 4.68 4.25
C ALA B 213 -12.91 5.74 5.22
N PRO B 215 -10.14 8.89 5.87
CA PRO B 215 -9.50 9.86 4.94
C PRO B 215 -8.03 9.56 4.61
N ILE B 216 -7.61 9.80 3.36
CA ILE B 216 -6.20 9.81 3.02
C ILE B 216 -5.90 10.99 2.08
N SER B 217 -4.66 11.44 2.15
CA SER B 217 -4.24 12.63 1.46
C SER B 217 -2.81 12.44 0.97
N GLU B 218 -2.35 13.41 0.21
CA GLU B 218 -0.96 13.48 -0.20
C GLU B 218 -0.56 14.90 -0.02
N LYS B 219 0.74 15.15 -0.14
CA LYS B 219 1.28 16.47 0.20
C LYS B 219 1.10 17.53 -0.88
N THR B 220 0.85 17.13 -2.12
CA THR B 220 0.52 18.08 -3.18
C THR B 220 -0.77 17.65 -3.83
N PRO B 221 -1.48 18.61 -4.43
CA PRO B 221 -2.70 18.24 -5.14
C PRO B 221 -2.45 17.32 -6.33
N GLN B 222 -1.40 17.58 -7.12
CA GLN B 222 -1.05 16.66 -8.22
C GLN B 222 -0.87 15.21 -7.76
N ARG B 223 -0.21 15.02 -6.62
CA ARG B 223 0.07 13.68 -6.08
C ARG B 223 -1.22 12.98 -5.64
N ALA B 224 -2.17 13.77 -5.14
CA ALA B 224 -3.49 13.25 -4.78
C ALA B 224 -4.16 12.69 -6.02
N VAL B 225 -4.17 13.46 -7.09
CA VAL B 225 -4.78 12.97 -8.32
C VAL B 225 -4.06 11.71 -8.82
N GLU B 226 -2.72 11.75 -8.83
CA GLU B 226 -1.88 10.64 -9.26
C GLU B 226 -2.16 9.35 -8.51
N GLN B 227 -2.23 9.44 -7.17
CA GLN B 227 -2.47 8.23 -6.40
C GLN B 227 -3.91 7.74 -6.46
N PHE B 228 -4.86 8.67 -6.62
CA PHE B 228 -6.24 8.31 -6.97
C PHE B 228 -6.28 7.45 -8.24
N ILE B 229 -5.63 7.91 -9.29
CA ILE B 229 -5.58 7.14 -10.53
C ILE B 229 -4.82 5.80 -10.39
N TYR B 230 -3.76 5.77 -9.59
CA TYR B 230 -3.02 4.53 -9.39
C TYR B 230 -3.93 3.47 -8.73
N ALA B 231 -4.70 3.93 -7.74
CA ALA B 231 -5.64 3.08 -7.03
C ALA B 231 -6.65 2.48 -7.99
N ILE B 232 -7.06 3.27 -8.97
CA ILE B 232 -7.97 2.80 -10.00
C ILE B 232 -7.27 1.79 -10.92
N GLU B 233 -6.02 2.08 -11.31
CA GLU B 233 -5.28 1.20 -12.19
C GLU B 233 -5.07 -0.14 -11.50
N LYS B 234 -4.79 -0.09 -10.21
CA LYS B 234 -4.56 -1.29 -9.43
C LYS B 234 -5.81 -2.00 -8.95
N GLY B 235 -6.97 -1.44 -9.23
CA GLY B 235 -8.20 -2.01 -8.71
C GLY B 235 -8.37 -1.93 -7.20
N ASP B 236 -7.87 -0.86 -6.58
CA ASP B 236 -8.10 -0.60 -5.16
C ASP B 236 -9.09 0.57 -5.04
N LEU B 237 -10.36 0.29 -5.24
CA LEU B 237 -11.35 1.35 -5.28
C LEU B 237 -11.73 1.88 -3.92
N THR B 238 -11.57 1.07 -2.87
CA THR B 238 -11.73 1.60 -1.53
C THR B 238 -10.77 2.79 -1.29
N ARG B 239 -9.52 2.62 -1.67
CA ARG B 239 -8.51 3.64 -1.47
C ARG B 239 -8.82 4.84 -2.34
N ALA B 240 -9.32 4.59 -3.55
CA ALA B 240 -9.74 5.68 -4.41
C ALA B 240 -10.82 6.54 -3.74
N LEU B 241 -11.74 5.90 -3.02
CA LEU B 241 -12.83 6.64 -2.33
C LEU B 241 -12.27 7.42 -1.15
N ALA B 242 -11.33 6.80 -0.42
CA ALA B 242 -10.64 7.44 0.71
C ALA B 242 -10.06 8.81 0.35
N PHE B 243 -9.51 8.97 -0.85
CA PHE B 243 -8.98 10.26 -1.28
C PHE B 243 -10.00 11.40 -1.28
N ALA B 244 -11.28 11.06 -1.41
CA ALA B 244 -12.35 12.05 -1.40
C ALA B 244 -13.05 12.12 -0.06
N THR B 245 -12.65 11.28 0.88
CA THR B 245 -13.31 11.18 2.16
C THR B 245 -12.71 12.16 3.15
N THR B 246 -13.31 13.34 3.26
CA THR B 246 -12.72 14.43 4.02
C THR B 246 -13.11 14.51 5.50
N GLU B 247 -14.09 13.73 5.95
CA GLU B 247 -14.43 13.70 7.38
C GLU B 247 -14.44 12.28 7.88
N SER B 248 -14.32 12.10 9.19
CA SER B 248 -14.47 10.75 9.80
C SER B 248 -15.22 10.86 11.10
N SER B 249 -15.63 9.73 11.66
CA SER B 249 -16.41 9.76 12.90
C SER B 249 -16.24 8.50 13.74
N GLN B 250 -16.29 8.66 15.05
CA GLN B 250 -16.22 7.53 15.99
C GLN B 250 -17.31 6.51 15.70
N ASP B 251 -18.55 6.99 15.59
CA ASP B 251 -19.71 6.13 15.32
C ASP B 251 -20.02 6.00 13.84
N THR B 252 -20.91 5.06 13.52
CA THR B 252 -21.47 4.98 12.18
C THR B 252 -22.24 6.26 11.90
N SER B 253 -22.06 6.82 10.71
CA SER B 253 -22.63 8.11 10.37
C SER B 253 -23.40 8.04 9.06
N PRO B 254 -24.72 8.25 9.12
CA PRO B 254 -25.53 8.25 7.89
C PRO B 254 -25.08 9.31 6.90
N GLU B 255 -24.70 10.46 7.40
CA GLU B 255 -24.26 11.54 6.53
C GLU B 255 -22.96 11.17 5.80
N LEU B 256 -22.00 10.60 6.51
CA LEU B 256 -20.74 10.26 5.87
C LEU B 256 -20.93 9.10 4.90
N LEU B 257 -21.71 8.10 5.31
CA LEU B 257 -22.02 6.95 4.44
C LEU B 257 -22.78 7.35 3.17
N LYS B 258 -23.67 8.33 3.28
CA LYS B 258 -24.40 8.79 2.11
C LYS B 258 -23.44 9.48 1.15
N LYS B 259 -22.60 10.36 1.69
CA LYS B 259 -21.62 11.09 0.90
C LYS B 259 -20.62 10.14 0.21
N GLN B 260 -20.25 9.07 0.90
CA GLN B 260 -19.43 8.00 0.31
C GLN B 260 -20.14 7.38 -0.90
N GLY B 261 -21.44 7.13 -0.76
CA GLY B 261 -22.27 6.66 -1.86
C GLY B 261 -22.31 7.62 -3.04
N GLU B 262 -22.43 8.91 -2.77
CA GLU B 262 -22.39 9.92 -3.85
C GLU B 262 -21.06 9.95 -4.53
N TYR B 263 -20.00 9.92 -3.77
CA TYR B 263 -18.69 9.88 -4.39
C TYR B 263 -18.46 8.56 -5.17
N ALA B 264 -18.96 7.43 -4.65
CA ALA B 264 -18.91 6.20 -5.46
C ALA B 264 -19.57 6.41 -6.81
N LYS B 265 -20.71 7.10 -6.80
CA LYS B 265 -21.42 7.32 -8.05
C LYS B 265 -20.66 8.22 -9.03
N GLU B 266 -20.07 9.30 -8.50
CA GLU B 266 -19.18 10.18 -9.24
C GLU B 266 -18.04 9.36 -9.86
N LEU B 267 -17.37 8.54 -9.06
CA LEU B 267 -16.26 7.71 -9.57
C LEU B 267 -16.73 6.68 -10.63
N LYS B 268 -17.86 6.03 -10.38
CA LYS B 268 -18.43 5.13 -11.39
C LYS B 268 -18.70 5.87 -12.71
N THR B 269 -19.23 7.08 -12.60
CA THR B 269 -19.60 7.88 -13.75
C THR B 269 -18.37 8.21 -14.57
N LEU B 271 -15.54 6.38 -14.59
CA LEU B 271 -15.09 5.16 -15.25
C LEU B 271 -15.93 4.88 -16.51
N TYR B 272 -17.25 5.08 -16.39
CA TYR B 272 -18.18 4.80 -17.49
C TYR B 272 -17.87 5.75 -18.67
N GLY B 273 -17.38 6.94 -18.34
CA GLY B 273 -16.94 7.89 -19.37
C GLY B 273 -15.75 7.39 -20.20
N PHE B 274 -14.75 6.82 -19.54
CA PHE B 274 -13.63 6.22 -20.25
C PHE B 274 -14.13 5.01 -21.02
N LEU B 275 -15.10 4.30 -20.44
CA LEU B 275 -15.65 3.10 -21.06
C LEU B 275 -16.66 3.38 -22.18
N GLY B 276 -17.15 4.61 -22.29
CA GLY B 276 -18.11 4.98 -23.34
C GLY B 276 -19.54 4.54 -23.03
N THR B 277 -19.85 4.35 -21.76
CA THR B 277 -21.15 3.86 -21.37
C THR B 277 -21.90 4.82 -20.45
N GLU B 278 -21.39 6.03 -20.25
CA GLU B 278 -21.98 6.88 -19.18
C GLU B 278 -23.40 7.29 -19.54
N ASP B 279 -23.69 7.37 -20.84
CA ASP B 279 -25.03 7.77 -21.35
C ASP B 279 -25.90 6.58 -21.82
N ALA B 280 -25.49 5.36 -21.49
CA ALA B 280 -26.21 4.19 -22.00
C ALA B 280 -27.56 4.07 -21.30
N ARG B 281 -28.55 3.60 -22.05
CA ARG B 281 -29.92 3.45 -21.58
C ARG B 281 -30.25 1.98 -21.60
N LEU B 282 -31.13 1.57 -20.70
CA LEU B 282 -31.54 0.19 -20.64
C LEU B 282 -32.79 -0.11 -21.45
N TYR B 283 -33.50 0.93 -21.90
CA TYR B 283 -34.80 0.73 -22.53
C TYR B 283 -34.72 0.24 -23.96
N GLY B 284 -35.57 -0.73 -24.29
CA GLY B 284 -35.66 -1.24 -25.65
C GLY B 284 -34.40 -1.98 -26.07
N LYS B 285 -33.68 -2.52 -25.08
CA LYS B 285 -32.48 -3.27 -25.36
C LYS B 285 -32.81 -4.76 -25.26
N SER B 286 -32.39 -5.50 -26.27
CA SER B 286 -32.51 -6.95 -26.27
C SER B 286 -31.53 -7.56 -25.29
N GLU B 287 -31.80 -8.80 -24.94
CA GLU B 287 -30.91 -9.59 -24.10
C GLU B 287 -29.48 -9.58 -24.68
N GLU B 288 -29.38 -9.68 -26.01
CA GLU B 288 -28.09 -9.62 -26.70
C GLU B 288 -27.45 -8.27 -26.49
N GLN B 289 -28.19 -7.18 -26.67
CA GLN B 289 -27.64 -5.84 -26.50
C GLN B 289 -27.21 -5.59 -25.05
N LEU B 290 -27.98 -6.10 -24.10
CA LEU B 290 -27.64 -5.98 -22.69
C LEU B 290 -26.34 -6.72 -22.36
N ASN B 291 -26.15 -7.87 -23.01
CA ASN B 291 -24.91 -8.61 -22.87
C ASN B 291 -23.72 -7.90 -23.51
N LYS B 292 -23.91 -7.26 -24.66
CA LYS B 292 -22.87 -6.40 -25.21
C LYS B 292 -22.53 -5.32 -24.19
N LEU B 293 -23.55 -4.62 -23.70
CA LEU B 293 -23.35 -3.54 -22.73
C LEU B 293 -22.58 -4.03 -21.51
N ARG B 294 -23.02 -5.15 -20.96
CA ARG B 294 -22.35 -5.77 -19.83
C ARG B 294 -20.85 -6.06 -20.08
N GLY B 295 -20.52 -6.45 -21.30
CA GLY B 295 -19.13 -6.66 -21.70
C GLY B 295 -18.35 -5.36 -21.85
N LYS B 296 -19.02 -4.32 -22.31
CA LYS B 296 -18.39 -3.01 -22.50
C LYS B 296 -17.98 -2.41 -21.16
N LEU B 297 -18.58 -2.88 -20.07
CA LEU B 297 -18.28 -2.37 -18.75
C LEU B 297 -17.09 -3.05 -18.09
N ASN B 298 -16.51 -4.03 -18.77
CA ASN B 298 -15.33 -4.74 -18.27
C ASN B 298 -14.17 -3.78 -17.93
N PRO B 299 -13.74 -3.75 -16.66
CA PRO B 299 -12.72 -2.77 -16.24
C PRO B 299 -11.28 -3.27 -16.38
N GLU B 300 -11.06 -4.37 -17.09
CA GLU B 300 -9.72 -4.95 -17.14
C GLU B 300 -8.67 -4.07 -17.81
N TYR B 301 -9.08 -3.16 -18.69
CA TYR B 301 -8.14 -2.27 -19.38
C TYR B 301 -7.79 -1.02 -18.53
N VAL B 303 -6.07 -0.89 -16.04
CA VAL B 303 -4.69 -0.98 -15.58
C VAL B 303 -3.81 -0.18 -16.53
N TYR B 304 -4.29 0.00 -17.76
CA TYR B 304 -3.59 0.83 -18.75
C TYR B 304 -4.16 2.24 -18.91
N LEU B 305 -5.10 2.65 -18.05
CA LEU B 305 -5.49 4.04 -17.99
C LEU B 305 -4.26 4.84 -17.59
N ASP B 306 -3.85 5.77 -18.45
CA ASP B 306 -2.65 6.52 -18.23
C ASP B 306 -2.92 8.01 -18.02
N LEU B 307 -2.57 8.48 -16.83
CA LEU B 307 -2.56 9.90 -16.54
C LEU B 307 -1.30 10.48 -17.15
N ILE B 308 -1.45 11.23 -18.23
CA ILE B 308 -0.33 11.86 -18.90
C ILE B 308 0.14 13.06 -18.10
N LYS B 309 -0.80 13.82 -17.55
CA LYS B 309 -0.45 15.05 -16.90
C LYS B 309 -1.58 15.55 -16.00
N VAL B 310 -1.21 16.18 -14.88
CA VAL B 310 -2.14 16.90 -14.03
C VAL B 310 -1.81 18.39 -14.12
N ILE B 311 -2.78 19.22 -14.50
CA ILE B 311 -2.48 20.61 -14.84
C ILE B 311 -3.34 21.59 -14.04
N PRO B 312 -2.69 22.56 -13.38
CA PRO B 312 -3.47 23.52 -12.64
C PRO B 312 -4.40 24.32 -13.53
N ILE B 313 -5.62 24.55 -13.04
CA ILE B 313 -6.50 25.49 -13.69
C ILE B 313 -6.44 26.83 -12.95
N GLU B 314 -6.15 27.88 -13.72
CA GLU B 314 -6.10 29.22 -13.19
C GLU B 314 -7.49 29.83 -13.31
N THR B 315 -8.06 30.25 -12.18
CA THR B 315 -9.40 30.82 -12.17
C THR B 315 -9.68 31.47 -10.83
N GLU B 316 -10.54 32.50 -10.83
CA GLU B 316 -10.94 33.13 -9.58
C GLU B 316 -11.83 32.24 -8.69
N GLU B 317 -12.25 31.08 -9.19
CA GLU B 317 -12.95 30.09 -8.35
C GLU B 317 -12.03 29.44 -7.33
N ASN B 318 -10.73 29.53 -7.57
CA ASN B 318 -9.74 29.01 -6.63
C ASN B 318 -9.65 29.86 -5.36
N THR B 319 -9.53 29.19 -4.22
CA THR B 319 -9.10 29.84 -2.99
C THR B 319 -7.73 29.27 -2.60
N GLU B 320 -7.17 29.74 -1.51
CA GLU B 320 -5.96 29.16 -0.97
C GLU B 320 -6.10 27.67 -0.68
N THR B 321 -7.30 27.23 -0.31
CA THR B 321 -7.50 25.87 0.19
C THR B 321 -8.30 24.97 -0.74
N VAL B 322 -8.85 25.54 -1.80
CA VAL B 322 -9.69 24.81 -2.72
C VAL B 322 -9.25 25.21 -4.12
N LYS B 323 -8.77 24.24 -4.89
CA LYS B 323 -8.16 24.51 -6.20
C LYS B 323 -8.64 23.53 -7.25
N GLN B 324 -8.71 24.01 -8.49
CA GLN B 324 -9.12 23.18 -9.61
C GLN B 324 -7.94 22.72 -10.47
N TYR B 325 -7.98 21.46 -10.89
CA TYR B 325 -6.93 20.87 -11.74
C TYR B 325 -7.56 19.99 -12.80
N ALA B 326 -6.94 19.92 -13.97
CA ALA B 326 -7.35 19.02 -15.06
C ALA B 326 -6.44 17.83 -15.10
N GLY B 327 -7.01 16.67 -15.37
CA GLY B 327 -6.27 15.47 -15.68
C GLY B 327 -6.33 15.23 -17.18
N LEU B 328 -5.18 14.92 -17.75
CA LEU B 328 -5.04 14.57 -19.17
C LEU B 328 -4.59 13.11 -19.29
N TYR B 329 -5.36 12.29 -20.01
CA TYR B 329 -5.18 10.83 -20.01
C TYR B 329 -5.08 10.23 -21.39
N SER B 330 -4.52 9.02 -21.44
CA SER B 330 -4.71 8.11 -22.58
C SER B 330 -5.36 6.83 -22.08
N TYR B 331 -6.36 6.37 -22.82
CA TYR B 331 -7.06 5.14 -22.51
C TYR B 331 -7.45 4.54 -23.86
N ASN B 332 -7.07 3.29 -24.08
CA ASN B 332 -7.40 2.56 -25.33
C ASN B 332 -7.13 3.37 -26.59
N GLY B 333 -5.94 3.96 -26.66
CA GLY B 333 -5.54 4.79 -27.78
C GLY B 333 -6.38 6.04 -28.03
N LYS B 334 -7.07 6.52 -27.01
CA LYS B 334 -7.79 7.78 -27.10
C LYS B 334 -7.38 8.69 -25.94
N ASN B 335 -7.54 9.99 -26.15
CA ASN B 335 -7.12 10.99 -25.17
C ASN B 335 -8.33 11.64 -24.52
N TYR B 336 -8.22 11.85 -23.21
CA TYR B 336 -9.31 12.43 -22.42
C TYR B 336 -8.83 13.53 -21.48
N LEU B 337 -9.74 14.41 -21.12
CA LEU B 337 -9.53 15.40 -20.07
C LEU B 337 -10.63 15.20 -19.04
N THR B 338 -10.29 15.26 -17.76
CA THR B 338 -11.30 15.39 -16.70
C THR B 338 -10.91 16.49 -15.74
N GLY B 339 -11.85 16.92 -14.94
CA GLY B 339 -11.65 18.01 -14.02
C GLY B 339 -11.66 17.54 -12.59
N TYR B 340 -10.86 18.21 -11.76
CA TYR B 340 -10.81 17.92 -10.33
C TYR B 340 -10.85 19.21 -9.56
N THR B 341 -11.45 19.12 -8.38
CA THR B 341 -11.42 20.18 -7.40
C THR B 341 -10.84 19.55 -6.15
N LEU B 342 -9.74 20.11 -5.65
CA LEU B 342 -9.05 19.54 -4.50
C LEU B 342 -9.06 20.54 -3.36
N CYS B 343 -9.11 20.02 -2.13
CA CYS B 343 -9.14 20.83 -0.94
C CYS B 343 -8.04 20.42 0.03
N ARG B 344 -7.53 21.42 0.74
CA ARG B 344 -6.41 21.22 1.67
C ARG B 344 -6.91 20.81 3.03
N GLN B 345 -6.41 19.69 3.54
CA GLN B 345 -6.59 19.31 4.93
C GLN B 345 -5.28 19.52 5.68
N GLU B 346 -5.30 19.31 7.00
CA GLU B 346 -4.10 19.51 7.83
C GLU B 346 -2.88 18.77 7.23
N ASP B 347 -3.02 17.46 7.04
CA ASP B 347 -1.95 16.60 6.52
C ASP B 347 -1.56 16.90 5.08
N GLY B 348 -2.54 17.21 4.24
CA GLY B 348 -2.29 17.49 2.82
C GLY B 348 -3.54 17.77 2.01
N TRP B 349 -3.56 17.28 0.78
CA TRP B 349 -4.63 17.57 -0.15
C TRP B 349 -5.47 16.34 -0.40
N GLN B 350 -6.79 16.55 -0.49
CA GLN B 350 -7.74 15.52 -0.87
C GLN B 350 -8.60 15.97 -2.04
N ILE B 351 -9.37 15.04 -2.60
CA ILE B 351 -10.25 15.36 -3.72
C ILE B 351 -11.56 15.81 -3.11
N GLN B 352 -12.06 16.96 -3.56
CA GLN B 352 -13.35 17.44 -3.12
C GLN B 352 -14.40 16.94 -4.09
N SER B 353 -14.13 17.07 -5.38
CA SER B 353 -15.06 16.57 -6.39
C SER B 353 -14.32 16.24 -7.68
N LEU B 354 -14.92 15.35 -8.46
CA LEU B 354 -14.43 15.00 -9.79
C LEU B 354 -15.00 15.95 -10.85
N SER B 355 -14.92 17.24 -10.56
CA SER B 355 -15.43 18.28 -11.45
C SER B 355 -14.48 19.45 -11.45
N ALA B 356 -14.59 20.27 -12.48
CA ALA B 356 -13.85 21.52 -12.60
C ALA B 356 -14.74 22.55 -13.30
N PRO B 357 -15.66 23.17 -12.54
CA PRO B 357 -16.59 24.14 -13.09
C PRO B 357 -15.96 25.26 -13.91
N ALA B 358 -14.71 25.64 -13.63
CA ALA B 358 -14.05 26.71 -14.42
C ALA B 358 -13.85 26.34 -15.87
N LEU B 359 -13.81 25.04 -16.13
CA LEU B 359 -13.74 24.48 -17.49
C LEU B 359 -15.08 23.84 -17.91
N SER B 360 -16.14 24.18 -17.19
CA SER B 360 -17.46 23.60 -17.40
C SER B 360 -17.48 22.05 -17.32
N LEU B 361 -16.54 21.46 -16.58
CA LEU B 361 -16.51 20.00 -16.40
C LEU B 361 -17.26 19.60 -15.15
N GLU B 362 -18.28 18.78 -15.31
CA GLU B 362 -19.15 18.41 -14.20
C GLU B 362 -18.66 17.13 -13.57
N SER B 363 -19.23 16.86 -12.41
CA SER B 363 -18.91 15.70 -11.61
C SER B 363 -18.86 14.44 -12.46
N GLY B 364 -17.66 13.88 -12.61
CA GLY B 364 -17.52 12.61 -13.27
C GLY B 364 -17.50 12.73 -14.76
N GLU B 365 -17.56 13.94 -15.28
CA GLU B 365 -17.53 14.16 -16.71
C GLU B 365 -16.16 13.82 -17.26
N VAL B 366 -16.18 13.25 -18.45
CA VAL B 366 -14.99 12.85 -19.17
C VAL B 366 -15.18 13.44 -20.54
N ARG B 368 -13.59 13.83 -24.46
CA ARG B 368 -12.72 13.23 -25.45
C ARG B 368 -11.91 14.33 -26.13
N LEU B 369 -10.61 14.11 -26.28
CA LEU B 369 -9.76 15.07 -26.98
C LEU B 369 -9.22 14.43 -28.24
N SER B 370 -9.02 15.26 -29.26
CA SER B 370 -8.28 14.86 -30.43
C SER B 370 -6.82 14.73 -29.99
N LYS B 371 -5.99 14.16 -30.85
CA LYS B 371 -4.57 14.03 -30.54
C LYS B 371 -3.92 15.39 -30.59
N GLU B 372 -4.42 16.26 -31.46
CA GLU B 372 -3.93 17.63 -31.56
C GLU B 372 -4.20 18.33 -30.24
N GLU B 373 -5.47 18.31 -29.83
CA GLU B 373 -5.87 18.84 -28.54
C GLU B 373 -5.10 18.24 -27.35
N SER B 374 -4.83 16.94 -27.40
CA SER B 374 -4.08 16.30 -26.31
C SER B 374 -2.67 16.84 -26.29
N ARG B 375 -2.03 16.92 -27.46
CA ARG B 375 -0.68 17.47 -27.59
C ARG B 375 -0.60 18.89 -27.06
N LYS B 376 -1.55 19.74 -27.47
CA LYS B 376 -1.59 21.12 -27.01
C LYS B 376 -1.77 21.21 -25.51
N THR B 377 -2.73 20.47 -24.97
CA THR B 377 -2.92 20.46 -23.53
C THR B 377 -1.62 20.09 -22.82
N SER B 378 -1.00 18.98 -23.22
CA SER B 378 0.24 18.53 -22.55
C SER B 378 1.34 19.60 -22.52
N GLU B 379 1.34 20.51 -23.49
CA GLU B 379 2.37 21.55 -23.57
C GLU B 379 2.07 22.78 -22.68
N GLN B 380 0.93 22.80 -21.98
CA GLN B 380 0.56 23.91 -21.11
C GLN B 380 1.01 23.66 -19.68
N SER B 381 1.53 24.69 -19.04
CA SER B 381 1.86 24.65 -17.63
C SER B 381 0.63 24.98 -16.79
N VAL B 382 -0.37 25.60 -17.40
CA VAL B 382 -1.60 25.98 -16.72
C VAL B 382 -2.75 26.09 -17.74
N LEU B 383 -3.98 25.82 -17.29
CA LEU B 383 -5.15 25.94 -18.17
C LEU B 383 -6.06 27.06 -17.71
N LYS B 384 -6.71 27.71 -18.68
CA LYS B 384 -7.73 28.73 -18.44
C LYS B 384 -9.04 28.34 -19.13
N ALA B 385 -10.17 28.86 -18.63
CA ALA B 385 -11.52 28.65 -19.21
C ALA B 385 -11.55 28.44 -20.73
#